data_9C2Y
#
_entry.id   9C2Y
#
_cell.length_a   63.288
_cell.length_b   130.246
_cell.length_c   78.300
_cell.angle_alpha   90.00
_cell.angle_beta   104.56
_cell.angle_gamma   90.00
#
_symmetry.space_group_name_H-M   'P 1 21 1'
#
loop_
_entity.id
_entity.type
_entity.pdbx_description
1 polymer JF1cpCasp2
2 polymer MUR-65
3 water water
#
loop_
_entity_poly.entity_id
_entity_poly.type
_entity_poly.pdbx_seq_one_letter_code
_entity_poly.pdbx_strand_id
1 'polypeptide(L)'
;MHHHHHHGKNHAGSPGCEESAAGKEKLPKMRLPTRSDMICGYACLKGTAAMRNTKRGSWYIEALAQVFSERACDMHVADM
LVKVNALIKDREGYAPGTEFHRCKEMSEYCSTLCRHLYLFPGGGVKPCTPEFYQTHFQLAYRLQSRPRGLALVLSNVHFT
GEKELEFRSGGDVDHSTLVTLFKLLGYDVHVLCDQTAQEMQEKLQNFAQLPAHRVTDSCIVALLSHGVEGAIYGVDGKLL
QLQEVFQLFDNANCPSLQNKPKMFFIQACRGDETDRGVDQQD
;
A,B,C,D
2 'polypeptide(L)' (A1AT6)(UN1)V(A1AT7)(ASJ) F,G,H,I
#
loop_
_chem_comp.id
_chem_comp.type
_chem_comp.name
_chem_comp.formula
ASJ peptide-like '(3S)-3-amino-4-hydroxybutanoic acid' 'C4 H9 N O3'
#
# COMPACT_ATOMS: atom_id res chain seq x y z
N ARG A 31 27.09 -28.70 18.19
CA ARG A 31 26.34 -28.41 16.95
C ARG A 31 25.75 -26.99 16.87
N LEU A 32 25.63 -26.47 15.63
CA LEU A 32 25.40 -25.08 15.30
C LEU A 32 24.04 -24.84 14.64
N PRO A 33 23.50 -23.62 14.73
CA PRO A 33 22.34 -23.23 13.90
C PRO A 33 22.71 -23.04 12.44
N THR A 34 21.69 -22.95 11.59
CA THR A 34 21.96 -22.80 10.16
C THR A 34 22.68 -21.49 9.88
N ARG A 35 22.24 -20.39 10.47
CA ARG A 35 22.86 -19.09 10.23
C ARG A 35 23.24 -18.45 11.56
N SER A 36 24.49 -17.99 11.68
CA SER A 36 24.95 -17.33 12.90
C SER A 36 26.23 -16.56 12.60
N ASP A 37 26.62 -15.70 13.55
CA ASP A 37 27.89 -14.94 13.52
C ASP A 37 27.99 -14.04 12.28
N MET A 38 26.92 -13.32 12.02
CA MET A 38 26.83 -12.43 10.87
C MET A 38 26.44 -11.07 11.42
N ILE A 39 26.78 -10.01 10.71
CA ILE A 39 26.32 -8.67 11.05
C ILE A 39 26.14 -7.94 9.73
N CYS A 40 25.09 -7.13 9.62
N CYS A 40 25.10 -7.12 9.62
CA CYS A 40 24.80 -6.50 8.35
CA CYS A 40 24.79 -6.51 8.33
C CYS A 40 24.46 -5.03 8.55
C CYS A 40 24.43 -5.05 8.51
N GLY A 41 25.14 -4.16 7.82
CA GLY A 41 24.89 -2.74 7.86
C GLY A 41 24.12 -2.31 6.63
N TYR A 42 23.14 -1.43 6.82
CA TYR A 42 22.26 -1.01 5.73
C TYR A 42 22.29 0.51 5.64
N ALA A 43 22.43 1.02 4.40
CA ALA A 43 22.43 2.44 4.18
C ALA A 43 21.13 3.09 4.65
N CYS A 44 20.03 2.35 4.68
CA CYS A 44 18.71 2.92 4.98
C CYS A 44 17.79 1.89 5.63
N LEU A 45 16.65 2.37 6.11
CA LEU A 45 15.62 1.57 6.76
C LEU A 45 14.63 0.99 5.75
N LYS A 46 14.00 -0.14 6.12
CA LYS A 46 12.93 -0.73 5.30
C LYS A 46 11.94 0.34 4.87
N GLY A 47 11.55 0.30 3.60
CA GLY A 47 10.65 1.27 3.04
C GLY A 47 11.29 2.57 2.56
N THR A 48 12.48 2.90 3.05
CA THR A 48 13.09 4.18 2.71
C THR A 48 14.22 4.00 1.72
N ALA A 49 14.71 5.13 1.23
CA ALA A 49 15.74 5.18 0.20
C ALA A 49 17.00 5.81 0.75
N ALA A 50 18.12 5.48 0.14
CA ALA A 50 19.42 5.94 0.59
C ALA A 50 19.87 7.09 -0.30
N MET A 51 20.61 8.01 0.30
CA MET A 51 21.06 9.21 -0.37
C MET A 51 22.46 9.03 -0.90
N ARG A 52 22.72 9.62 -2.06
CA ARG A 52 24.05 9.61 -2.63
C ARG A 52 24.40 11.01 -3.10
N ASN A 53 25.66 11.38 -2.95
CA ASN A 53 26.17 12.68 -3.35
C ASN A 53 26.98 12.49 -4.63
N THR A 54 26.53 13.14 -5.71
CA THR A 54 27.11 12.89 -7.03
C THR A 54 28.60 13.23 -7.09
N LYS A 55 29.10 14.00 -6.13
CA LYS A 55 30.54 14.21 -6.06
C LYS A 55 31.18 13.22 -5.09
N ARG A 56 30.64 13.15 -3.86
CA ARG A 56 31.34 12.54 -2.75
C ARG A 56 31.04 11.06 -2.58
N GLY A 57 29.98 10.54 -3.22
CA GLY A 57 29.52 9.19 -2.94
C GLY A 57 28.40 9.15 -1.91
N SER A 58 28.03 7.92 -1.55
CA SER A 58 26.92 7.72 -0.62
C SER A 58 27.22 8.29 0.74
N TRP A 59 26.16 8.72 1.43
CA TRP A 59 26.30 9.16 2.81
C TRP A 59 26.86 8.05 3.68
N TYR A 60 26.43 6.80 3.42
CA TYR A 60 26.73 5.70 4.33
C TYR A 60 28.18 5.24 4.20
N ILE A 61 28.66 5.04 2.97
CA ILE A 61 30.04 4.61 2.75
C ILE A 61 31.02 5.66 3.26
N GLU A 62 30.65 6.93 3.07
CA GLU A 62 31.51 8.01 3.50
C GLU A 62 31.65 8.00 5.01
N ALA A 63 30.52 7.84 5.72
CA ALA A 63 30.55 7.76 7.18
C ALA A 63 31.19 6.47 7.65
N LEU A 64 30.86 5.35 7.00
CA LEU A 64 31.42 4.06 7.36
C LEU A 64 32.93 4.08 7.25
N ALA A 65 33.44 4.62 6.15
CA ALA A 65 34.90 4.66 5.97
C ALA A 65 35.54 5.59 6.98
N GLN A 66 34.92 6.74 7.24
CA GLN A 66 35.48 7.66 8.23
C GLN A 66 35.54 7.04 9.63
N VAL A 67 34.51 6.32 10.03
CA VAL A 67 34.51 5.73 11.37
C VAL A 67 35.54 4.62 11.47
N PHE A 68 35.52 3.68 10.52
CA PHE A 68 36.40 2.53 10.60
C PHE A 68 37.86 2.92 10.58
N SER A 69 38.23 3.86 9.70
CA SER A 69 39.59 4.38 9.68
C SER A 69 40.02 4.82 11.07
N GLU A 70 39.27 5.73 11.69
CA GLU A 70 39.78 6.31 12.94
C GLU A 70 39.65 5.37 14.14
N ARG A 71 38.65 4.48 14.18
CA ARG A 71 38.32 3.85 15.44
C ARG A 71 38.52 2.33 15.46
N ALA A 72 39.02 1.73 14.39
CA ALA A 72 39.10 0.29 14.36
C ALA A 72 40.12 -0.26 15.35
N CYS A 73 41.04 0.59 15.82
CA CYS A 73 42.08 0.19 16.76
C CYS A 73 41.52 -0.03 18.16
N ASP A 74 40.38 0.55 18.51
CA ASP A 74 39.94 0.50 19.89
C ASP A 74 38.43 0.31 20.01
N MET A 75 37.74 -0.08 18.95
CA MET A 75 36.28 -0.14 19.01
C MET A 75 35.78 -1.29 18.15
N HIS A 76 34.82 -2.05 18.66
CA HIS A 76 34.43 -3.20 17.86
C HIS A 76 33.42 -2.78 16.80
N VAL A 77 33.13 -3.70 15.88
CA VAL A 77 32.41 -3.31 14.68
C VAL A 77 30.99 -2.83 15.03
N ALA A 78 30.29 -3.57 15.90
CA ALA A 78 28.95 -3.18 16.29
C ALA A 78 28.94 -1.76 16.85
N ASP A 79 29.78 -1.49 17.85
CA ASP A 79 29.85 -0.13 18.37
C ASP A 79 30.17 0.85 17.27
N MET A 80 30.88 0.40 16.24
CA MET A 80 31.35 1.35 15.25
C MET A 80 30.21 1.73 14.30
N LEU A 81 29.36 0.75 13.97
CA LEU A 81 28.14 1.05 13.24
C LEU A 81 27.19 1.93 14.03
N VAL A 82 27.34 2.02 15.35
CA VAL A 82 26.53 2.97 16.12
C VAL A 82 27.03 4.40 15.92
N LYS A 83 28.36 4.59 15.87
CA LYS A 83 28.90 5.90 15.48
C LYS A 83 28.44 6.29 14.08
N VAL A 84 28.40 5.31 13.17
CA VAL A 84 27.95 5.61 11.81
C VAL A 84 26.48 6.00 11.83
N ASN A 85 25.65 5.26 12.58
CA ASN A 85 24.27 5.69 12.76
C ASN A 85 24.20 7.12 13.26
N ALA A 86 25.14 7.50 14.13
CA ALA A 86 25.08 8.85 14.69
C ALA A 86 25.35 9.89 13.62
N LEU A 87 26.33 9.63 12.76
CA LEU A 87 26.63 10.59 11.71
C LEU A 87 25.47 10.71 10.74
N ILE A 88 24.99 9.57 10.25
CA ILE A 88 23.90 9.60 9.29
C ILE A 88 22.69 10.34 9.83
N LYS A 89 22.46 10.26 11.14
CA LYS A 89 21.21 10.85 11.66
C LYS A 89 21.29 12.36 11.67
N ASP A 90 22.50 12.92 11.76
CA ASP A 90 22.76 14.35 11.81
C ASP A 90 22.90 15.00 10.45
N ARG A 91 23.24 14.23 9.43
CA ARG A 91 23.35 14.78 8.08
C ARG A 91 21.98 15.13 7.49
N GLU A 92 21.97 16.13 6.61
CA GLU A 92 20.79 16.41 5.81
C GLU A 92 21.23 16.84 4.41
N GLY A 93 20.28 16.77 3.49
CA GLY A 93 20.57 17.02 2.09
C GLY A 93 20.63 18.50 1.77
N TYR A 94 21.46 18.83 0.78
CA TYR A 94 21.66 20.21 0.35
C TYR A 94 21.58 20.21 -1.18
N ALA A 95 20.53 20.83 -1.72
CA ALA A 95 20.21 20.81 -3.14
C ALA A 95 19.00 21.72 -3.39
N PRO A 96 19.14 23.04 -3.19
CA PRO A 96 17.97 23.92 -3.20
C PRO A 96 17.24 23.83 -4.53
N GLY A 97 15.91 23.86 -4.48
CA GLY A 97 15.15 23.58 -5.67
C GLY A 97 14.54 22.19 -5.69
N THR A 98 15.37 21.14 -5.63
CA THR A 98 14.84 19.78 -5.79
C THR A 98 14.06 19.32 -4.56
N GLU A 99 13.38 18.18 -4.74
CA GLU A 99 12.72 17.50 -3.64
C GLU A 99 13.70 17.00 -2.59
N PHE A 100 14.98 16.88 -2.94
CA PHE A 100 16.00 16.42 -1.99
C PHE A 100 16.54 17.50 -1.06
N HIS A 101 16.07 18.74 -1.11
CA HIS A 101 16.63 19.71 -0.20
C HIS A 101 16.18 19.41 1.23
N ARG A 102 17.14 19.34 2.14
CA ARG A 102 16.99 19.09 3.58
C ARG A 102 16.50 17.69 3.95
N CYS A 103 16.45 16.76 3.00
CA CYS A 103 15.99 15.42 3.28
C CYS A 103 16.95 14.70 4.25
N LYS A 104 16.48 13.56 4.76
CA LYS A 104 17.16 12.83 5.82
C LYS A 104 17.34 11.36 5.44
N GLU A 105 18.09 10.65 6.28
CA GLU A 105 18.42 9.24 6.08
C GLU A 105 18.74 8.62 7.44
N MET A 106 18.46 7.32 7.58
CA MET A 106 18.83 6.59 8.80
C MET A 106 19.42 5.24 8.42
N SER A 107 20.65 4.98 8.84
CA SER A 107 21.26 3.67 8.63
C SER A 107 20.83 2.73 9.73
N GLU A 108 21.24 1.48 9.61
CA GLU A 108 20.94 0.52 10.66
C GLU A 108 21.84 -0.67 10.46
N TYR A 109 21.98 -1.48 11.51
CA TYR A 109 22.68 -2.76 11.41
C TYR A 109 21.88 -3.83 12.12
N CYS A 110 21.91 -5.06 11.57
CA CYS A 110 21.28 -6.21 12.19
C CYS A 110 22.35 -7.26 12.44
N SER A 111 22.34 -7.87 13.62
CA SER A 111 23.49 -8.64 14.07
C SER A 111 23.11 -9.97 14.69
N THR A 112 23.76 -11.05 14.24
CA THR A 112 23.78 -12.29 15.00
C THR A 112 25.17 -12.63 15.55
N LEU A 113 26.05 -11.64 15.76
CA LEU A 113 27.30 -11.94 16.41
C LEU A 113 27.04 -12.49 17.80
N CYS A 114 27.96 -13.34 18.29
CA CYS A 114 27.96 -13.88 19.65
C CYS A 114 29.19 -13.48 20.46
N ARG A 115 29.97 -12.52 19.99
CA ARG A 115 31.17 -12.02 20.67
C ARG A 115 31.44 -10.62 20.12
N HIS A 116 32.29 -9.87 20.81
CA HIS A 116 32.79 -8.63 20.22
C HIS A 116 33.53 -8.94 18.92
N LEU A 117 33.31 -8.10 17.91
CA LEU A 117 34.16 -7.98 16.73
C LEU A 117 35.11 -6.80 16.83
N TYR A 118 36.29 -7.03 17.39
CA TYR A 118 37.41 -6.14 17.19
C TYR A 118 38.18 -6.64 15.99
N LEU A 119 38.51 -5.73 15.09
CA LEU A 119 39.26 -6.11 13.90
C LEU A 119 40.75 -6.23 14.17
N PHE A 120 41.28 -5.48 15.14
CA PHE A 120 42.68 -5.54 15.50
C PHE A 120 43.57 -5.20 14.29
N PRO A 121 43.66 -3.92 13.89
CA PRO A 121 44.61 -3.57 12.83
C PRO A 121 46.05 -3.47 13.33
N HIS A 136 42.03 -7.07 25.04
CA HIS A 136 40.67 -7.39 24.64
C HIS A 136 40.51 -8.76 24.00
N PHE A 137 41.64 -9.41 23.70
CA PHE A 137 41.65 -10.63 22.88
C PHE A 137 40.67 -11.70 23.34
N GLN A 138 40.19 -11.66 24.60
CA GLN A 138 39.61 -12.83 25.25
C GLN A 138 38.10 -13.01 25.03
N LEU A 139 37.30 -11.96 25.13
CA LEU A 139 35.85 -12.04 24.94
C LEU A 139 35.42 -11.63 23.52
N ALA A 140 36.35 -11.70 22.55
CA ALA A 140 36.11 -11.30 21.17
C ALA A 140 36.50 -12.44 20.24
N TYR A 141 35.98 -12.38 19.00
CA TYR A 141 36.28 -13.38 17.99
C TYR A 141 37.79 -13.42 17.73
N ARG A 142 38.32 -14.62 17.52
CA ARG A 142 39.67 -14.71 16.98
C ARG A 142 39.76 -13.94 15.68
N LEU A 143 40.60 -12.93 15.66
CA LEU A 143 40.85 -12.17 14.45
C LEU A 143 42.36 -11.86 14.44
N GLN A 144 43.14 -12.86 14.07
CA GLN A 144 44.59 -12.84 14.17
C GLN A 144 45.31 -13.28 12.89
N SER A 145 44.64 -13.91 11.94
CA SER A 145 45.29 -14.39 10.73
C SER A 145 45.76 -13.22 9.87
N ARG A 146 46.67 -13.53 8.94
CA ARG A 146 47.12 -12.59 7.91
C ARG A 146 46.90 -13.33 6.61
N PRO A 147 46.00 -12.85 5.71
CA PRO A 147 45.20 -11.65 5.89
C PRO A 147 44.10 -11.85 6.94
N ARG A 148 43.46 -10.77 7.38
CA ARG A 148 42.37 -10.87 8.34
C ARG A 148 41.18 -11.68 7.79
N GLY A 149 41.03 -11.69 6.47
CA GLY A 149 40.01 -12.46 5.80
C GLY A 149 39.99 -12.04 4.34
N LEU A 150 39.15 -12.70 3.57
CA LEU A 150 38.91 -12.25 2.21
C LEU A 150 37.80 -11.21 2.27
N ALA A 151 37.83 -10.22 1.39
CA ALA A 151 36.78 -9.21 1.32
C ALA A 151 36.38 -9.01 -0.12
N LEU A 152 35.08 -8.95 -0.40
CA LEU A 152 34.56 -8.76 -1.75
C LEU A 152 33.82 -7.43 -1.82
N VAL A 153 34.07 -6.64 -2.86
CA VAL A 153 33.39 -5.36 -3.07
C VAL A 153 32.75 -5.41 -4.45
N LEU A 154 31.41 -5.28 -4.49
CA LEU A 154 30.60 -5.58 -5.69
C LEU A 154 29.74 -4.35 -6.01
N SER A 155 30.25 -3.45 -6.84
CA SER A 155 29.54 -2.23 -7.20
C SER A 155 28.87 -2.37 -8.55
N ASN A 156 27.59 -2.10 -8.59
CA ASN A 156 26.89 -1.89 -9.85
C ASN A 156 26.68 -0.39 -9.98
N VAL A 157 27.35 0.21 -10.97
CA VAL A 157 27.25 1.64 -11.20
C VAL A 157 26.62 1.96 -12.56
N HIS A 158 26.93 1.19 -13.60
CA HIS A 158 26.49 1.44 -14.96
C HIS A 158 25.47 0.39 -15.36
N PHE A 159 24.32 0.81 -15.88
CA PHE A 159 23.18 -0.09 -16.04
C PHE A 159 22.73 -0.17 -17.49
N THR A 160 22.50 -1.38 -17.96
CA THR A 160 22.36 -1.62 -19.40
C THR A 160 20.99 -1.23 -19.94
N GLY A 161 20.18 -0.52 -19.15
CA GLY A 161 18.92 0.05 -19.64
C GLY A 161 17.78 -0.92 -19.87
N GLU A 162 17.91 -2.19 -19.49
CA GLU A 162 16.80 -3.12 -19.63
C GLU A 162 15.59 -2.68 -18.80
N LYS A 163 15.82 -2.14 -17.60
CA LYS A 163 14.78 -1.46 -16.85
C LYS A 163 15.15 0.04 -16.76
N GLU A 164 14.44 0.80 -15.92
CA GLU A 164 14.68 2.23 -15.84
C GLU A 164 15.52 2.55 -14.60
N LEU A 165 16.80 2.19 -14.68
CA LEU A 165 17.73 2.38 -13.56
C LEU A 165 18.84 3.32 -13.99
N GLU A 166 19.07 4.36 -13.20
CA GLU A 166 19.98 5.43 -13.55
C GLU A 166 21.43 5.14 -13.17
N PHE A 167 22.34 5.76 -13.92
CA PHE A 167 23.76 5.82 -13.60
C PHE A 167 23.96 6.21 -12.14
N ARG A 168 24.63 5.35 -11.39
CA ARG A 168 24.94 5.68 -10.00
C ARG A 168 26.20 6.54 -9.96
N SER A 169 26.02 7.83 -10.26
CA SER A 169 27.09 8.82 -10.08
C SER A 169 27.51 8.88 -8.61
N GLY A 170 28.82 9.01 -8.39
CA GLY A 170 29.37 8.82 -7.07
C GLY A 170 29.63 7.37 -6.71
N GLY A 171 29.13 6.42 -7.51
CA GLY A 171 29.40 5.04 -7.22
C GLY A 171 30.87 4.70 -7.29
N ASP A 172 31.59 5.30 -8.23
CA ASP A 172 33.02 5.07 -8.31
C ASP A 172 33.74 5.54 -7.06
N VAL A 173 33.21 6.55 -6.37
CA VAL A 173 33.85 7.02 -5.14
C VAL A 173 33.64 6.01 -4.02
N ASP A 174 32.42 5.45 -3.95
CA ASP A 174 32.11 4.44 -2.95
C ASP A 174 33.06 3.26 -3.09
N HIS A 175 33.17 2.76 -4.32
CA HIS A 175 33.95 1.58 -4.58
C HIS A 175 35.41 1.77 -4.16
N SER A 176 36.06 2.83 -4.66
CA SER A 176 37.44 3.09 -4.27
C SER A 176 37.60 3.17 -2.78
N THR A 177 36.64 3.83 -2.11
CA THR A 177 36.73 4.07 -0.68
C THR A 177 36.74 2.76 0.11
N LEU A 178 35.91 1.80 -0.30
CA LEU A 178 35.83 0.52 0.38
C LEU A 178 37.04 -0.35 0.09
N VAL A 179 37.54 -0.35 -1.14
CA VAL A 179 38.68 -1.21 -1.42
C VAL A 179 39.90 -0.76 -0.61
N THR A 180 40.16 0.55 -0.53
CA THR A 180 41.31 1.03 0.25
C THR A 180 41.12 0.73 1.73
N LEU A 181 39.91 0.98 2.25
CA LEU A 181 39.64 0.71 3.66
C LEU A 181 39.85 -0.75 3.99
N PHE A 182 39.29 -1.62 3.16
CA PHE A 182 39.42 -3.04 3.46
C PHE A 182 40.87 -3.48 3.28
N LYS A 183 41.58 -2.94 2.27
CA LYS A 183 43.00 -3.25 2.14
C LYS A 183 43.80 -2.72 3.32
N LEU A 184 43.42 -1.53 3.85
CA LEU A 184 44.14 -1.00 5.00
C LEU A 184 43.83 -1.79 6.27
N LEU A 185 42.62 -2.34 6.38
CA LEU A 185 42.28 -3.11 7.57
C LEU A 185 42.85 -4.53 7.53
N GLY A 186 43.59 -4.90 6.49
CA GLY A 186 44.26 -6.18 6.45
C GLY A 186 43.60 -7.27 5.63
N TYR A 187 42.76 -6.93 4.67
CA TYR A 187 41.96 -7.92 3.96
C TYR A 187 42.45 -8.08 2.53
N ASP A 188 42.46 -9.33 2.04
CA ASP A 188 42.64 -9.69 0.64
C ASP A 188 41.40 -9.26 -0.14
N VAL A 189 41.44 -8.13 -0.84
CA VAL A 189 40.21 -7.58 -1.41
C VAL A 189 39.99 -8.10 -2.82
N HIS A 190 38.95 -8.90 -3.01
CA HIS A 190 38.44 -9.16 -4.35
C HIS A 190 37.45 -8.07 -4.73
N VAL A 191 37.38 -7.73 -6.03
CA VAL A 191 36.40 -6.75 -6.51
C VAL A 191 35.62 -7.31 -7.70
N LEU A 192 34.52 -6.63 -8.02
CA LEU A 192 33.58 -7.08 -9.04
C LEU A 192 32.69 -5.91 -9.37
N CYS A 193 32.68 -5.48 -10.63
CA CYS A 193 31.95 -4.29 -11.05
C CYS A 193 30.88 -4.66 -12.07
N ASP A 194 29.71 -4.04 -11.97
CA ASP A 194 28.70 -4.04 -13.04
C ASP A 194 28.34 -5.46 -13.51
N GLN A 195 27.61 -6.17 -12.66
CA GLN A 195 27.22 -7.55 -12.91
C GLN A 195 25.71 -7.67 -13.12
N THR A 196 25.33 -8.75 -13.78
CA THR A 196 23.93 -9.12 -13.82
C THR A 196 23.58 -9.87 -12.55
N ALA A 197 22.27 -10.01 -12.30
CA ALA A 197 21.82 -10.76 -11.13
C ALA A 197 22.34 -12.18 -11.17
N GLN A 198 22.39 -12.75 -12.37
CA GLN A 198 22.92 -14.11 -12.50
C GLN A 198 24.40 -14.15 -12.18
N GLU A 199 25.19 -13.30 -12.85
CA GLU A 199 26.61 -13.23 -12.57
C GLU A 199 26.86 -13.02 -11.07
N MET A 200 26.05 -12.16 -10.43
CA MET A 200 26.26 -11.90 -9.01
C MET A 200 26.06 -13.15 -8.17
N GLN A 201 24.94 -13.84 -8.35
CA GLN A 201 24.72 -15.06 -7.59
C GLN A 201 25.83 -16.04 -7.83
N GLU A 202 26.23 -16.22 -9.08
CA GLU A 202 27.18 -17.27 -9.39
C GLU A 202 28.55 -16.96 -8.79
N LYS A 203 29.03 -15.71 -8.93
CA LYS A 203 30.36 -15.38 -8.42
C LYS A 203 30.36 -15.19 -6.91
N LEU A 204 29.22 -14.82 -6.31
CA LEU A 204 29.14 -14.78 -4.86
C LEU A 204 29.17 -16.19 -4.30
N GLN A 205 28.63 -17.15 -5.04
CA GLN A 205 28.77 -18.54 -4.64
C GLN A 205 30.20 -19.00 -4.80
N ASN A 206 30.86 -18.60 -5.89
CA ASN A 206 32.30 -18.87 -6.03
C ASN A 206 33.07 -18.31 -4.87
N PHE A 207 32.87 -17.02 -4.57
CA PHE A 207 33.61 -16.38 -3.48
C PHE A 207 33.41 -17.10 -2.15
N ALA A 208 32.19 -17.58 -1.89
CA ALA A 208 31.93 -18.27 -0.63
C ALA A 208 32.65 -19.59 -0.54
N GLN A 209 32.97 -20.21 -1.68
CA GLN A 209 33.50 -21.56 -1.67
C GLN A 209 35.03 -21.57 -1.70
N LEU A 210 35.68 -20.42 -1.82
CA LEU A 210 37.12 -20.39 -2.01
C LEU A 210 37.83 -21.13 -0.88
N PRO A 211 38.88 -21.88 -1.18
CA PRO A 211 39.64 -22.56 -0.11
C PRO A 211 40.25 -21.61 0.90
N ALA A 212 40.56 -20.38 0.48
CA ALA A 212 41.27 -19.43 1.34
C ALA A 212 40.55 -19.18 2.67
N HIS A 213 39.23 -19.37 2.71
CA HIS A 213 38.49 -19.11 3.95
C HIS A 213 38.91 -20.06 5.06
N ARG A 214 39.37 -21.26 4.71
CA ARG A 214 39.75 -22.25 5.72
C ARG A 214 40.79 -21.68 6.67
N VAL A 215 41.66 -20.81 6.18
CA VAL A 215 42.83 -20.36 6.90
C VAL A 215 42.71 -18.93 7.41
N THR A 216 41.58 -18.27 7.19
CA THR A 216 41.41 -16.90 7.69
C THR A 216 40.40 -16.89 8.83
N ASP A 217 40.34 -15.75 9.53
CA ASP A 217 39.54 -15.60 10.73
C ASP A 217 38.22 -14.83 10.54
N SER A 218 38.02 -14.16 9.40
CA SER A 218 36.80 -13.38 9.20
C SER A 218 36.52 -13.24 7.70
N CYS A 219 35.37 -12.62 7.37
CA CYS A 219 35.00 -12.41 5.97
C CYS A 219 34.19 -11.12 5.84
N ILE A 220 34.30 -10.46 4.69
CA ILE A 220 33.60 -9.20 4.43
C ILE A 220 33.05 -9.20 3.01
N VAL A 221 31.81 -8.75 2.87
CA VAL A 221 31.13 -8.62 1.58
C VAL A 221 30.43 -7.28 1.57
N ALA A 222 30.58 -6.52 0.49
CA ALA A 222 29.95 -5.20 0.41
C ALA A 222 29.26 -5.12 -0.94
N LEU A 223 27.97 -4.87 -0.93
CA LEU A 223 27.18 -4.84 -2.15
C LEU A 223 26.65 -3.44 -2.32
N LEU A 224 26.93 -2.82 -3.47
CA LEU A 224 26.50 -1.44 -3.74
C LEU A 224 25.79 -1.44 -5.08
N SER A 225 24.50 -1.09 -5.08
CA SER A 225 23.69 -1.20 -6.29
C SER A 225 22.39 -0.44 -6.09
N HIS A 226 21.57 -0.40 -7.14
CA HIS A 226 20.17 -0.10 -6.93
C HIS A 226 19.52 -1.28 -6.23
N GLY A 227 18.45 -1.02 -5.50
CA GLY A 227 17.81 -2.15 -4.86
C GLY A 227 16.36 -1.89 -4.54
N VAL A 228 15.73 -2.92 -3.99
CA VAL A 228 14.43 -2.82 -3.35
C VAL A 228 14.54 -3.44 -1.96
N GLU A 229 13.42 -3.50 -1.26
CA GLU A 229 13.39 -4.10 0.06
C GLU A 229 13.78 -5.57 -0.01
N GLY A 230 14.91 -5.93 0.56
CA GLY A 230 15.33 -7.32 0.52
C GLY A 230 16.01 -7.77 -0.76
N ALA A 231 16.28 -6.89 -1.71
CA ALA A 231 16.95 -7.37 -2.90
C ALA A 231 17.67 -6.24 -3.62
N ILE A 232 18.70 -6.60 -4.38
CA ILE A 232 19.43 -5.60 -5.14
C ILE A 232 19.40 -5.96 -6.62
N TYR A 233 19.61 -4.94 -7.45
CA TYR A 233 19.54 -5.06 -8.90
C TYR A 233 20.89 -5.41 -9.49
N GLY A 234 20.88 -6.35 -10.44
CA GLY A 234 21.96 -6.47 -11.38
C GLY A 234 21.82 -5.42 -12.45
N VAL A 235 22.88 -5.27 -13.25
CA VAL A 235 22.89 -4.20 -14.25
C VAL A 235 21.84 -4.44 -15.32
N ASP A 236 21.28 -5.64 -15.39
CA ASP A 236 20.22 -6.00 -16.33
C ASP A 236 18.83 -5.80 -15.77
N GLY A 237 18.72 -5.11 -14.63
CA GLY A 237 17.42 -4.79 -14.10
C GLY A 237 16.78 -5.91 -13.33
N LYS A 238 17.42 -7.07 -13.28
CA LYS A 238 16.90 -8.25 -12.60
C LYS A 238 17.36 -8.23 -11.15
N LEU A 239 16.60 -8.89 -10.26
CA LEU A 239 16.84 -8.79 -8.82
C LEU A 239 17.59 -10.00 -8.30
N LEU A 240 18.31 -9.81 -7.19
CA LEU A 240 18.92 -10.88 -6.41
C LEU A 240 18.46 -10.72 -4.98
N GLN A 241 17.90 -11.79 -4.39
CA GLN A 241 17.37 -11.67 -3.03
C GLN A 241 18.51 -11.71 -2.06
N LEU A 242 18.48 -10.81 -1.07
CA LEU A 242 19.56 -10.76 -0.09
C LEU A 242 19.56 -12.02 0.76
N GLN A 243 18.40 -12.64 0.98
CA GLN A 243 18.41 -13.86 1.76
C GLN A 243 19.31 -14.90 1.11
N GLU A 244 19.18 -15.07 -0.21
CA GLU A 244 20.05 -16.00 -0.93
C GLU A 244 21.51 -15.64 -0.74
N VAL A 245 21.86 -14.36 -0.81
CA VAL A 245 23.24 -13.96 -0.56
C VAL A 245 23.70 -14.44 0.80
N PHE A 246 22.95 -14.07 1.86
CA PHE A 246 23.33 -14.52 3.22
C PHE A 246 23.35 -16.03 3.33
N GLN A 247 22.48 -16.73 2.60
CA GLN A 247 22.46 -18.18 2.68
C GLN A 247 23.79 -18.77 2.22
N LEU A 248 24.38 -18.23 1.15
CA LEU A 248 25.62 -18.79 0.62
C LEU A 248 26.78 -18.73 1.61
N PHE A 249 26.61 -18.10 2.76
CA PHE A 249 27.67 -17.93 3.74
C PHE A 249 27.33 -18.55 5.09
N ASP A 250 26.18 -19.20 5.20
CA ASP A 250 25.73 -19.68 6.51
C ASP A 250 26.54 -20.92 6.91
N ASN A 251 26.19 -21.49 8.06
CA ASN A 251 26.95 -22.61 8.57
C ASN A 251 26.75 -23.92 7.76
N ALA A 252 25.72 -23.99 6.92
CA ALA A 252 25.48 -25.21 6.16
C ALA A 252 26.11 -25.17 4.76
N ASN A 253 26.10 -24.02 4.08
CA ASN A 253 26.69 -23.96 2.76
C ASN A 253 28.14 -23.47 2.78
N CYS A 254 28.60 -22.84 3.85
CA CYS A 254 29.95 -22.30 3.90
C CYS A 254 30.59 -22.78 5.19
N PRO A 255 30.83 -24.08 5.31
CA PRO A 255 31.33 -24.61 6.58
C PRO A 255 32.71 -24.08 6.91
N SER A 256 33.47 -23.59 5.93
N SER A 256 33.45 -23.57 5.93
CA SER A 256 34.80 -23.10 6.23
CA SER A 256 34.79 -23.09 6.21
C SER A 256 34.77 -21.82 7.06
C SER A 256 34.80 -21.78 6.96
N LEU A 257 33.67 -21.07 7.01
CA LEU A 257 33.54 -19.84 7.81
C LEU A 257 32.71 -20.08 9.07
N GLN A 258 32.57 -21.33 9.49
CA GLN A 258 31.81 -21.61 10.69
C GLN A 258 32.45 -20.96 11.89
N ASN A 259 31.63 -20.29 12.70
CA ASN A 259 32.01 -19.69 13.96
C ASN A 259 32.96 -18.52 13.77
N LYS A 260 33.08 -18.00 12.54
CA LYS A 260 33.84 -16.77 12.36
C LYS A 260 32.98 -15.63 11.84
N PRO A 261 33.29 -14.42 12.23
CA PRO A 261 32.42 -13.28 11.91
C PRO A 261 32.34 -13.05 10.42
N LYS A 262 31.14 -12.84 9.94
CA LYS A 262 30.91 -12.47 8.55
C LYS A 262 30.17 -11.14 8.55
N MET A 263 30.50 -10.29 7.59
CA MET A 263 30.31 -8.86 7.75
C MET A 263 29.74 -8.42 6.43
N PHE A 264 28.48 -8.00 6.39
CA PHE A 264 27.88 -7.57 5.14
C PHE A 264 27.54 -6.08 5.22
N PHE A 265 27.94 -5.32 4.22
CA PHE A 265 27.55 -3.92 4.09
C PHE A 265 26.77 -3.80 2.81
N ILE A 266 25.55 -3.26 2.90
CA ILE A 266 24.60 -3.20 1.79
C ILE A 266 24.22 -1.75 1.54
N GLN A 267 24.68 -1.20 0.41
CA GLN A 267 24.36 0.17 -0.02
C GLN A 267 23.40 0.04 -1.20
N ALA A 268 22.11 -0.05 -0.90
CA ALA A 268 21.05 -0.07 -1.91
C ALA A 268 19.79 0.52 -1.30
N CYS A 269 18.90 1.02 -2.15
CA CYS A 269 17.59 1.44 -1.69
C CYS A 269 16.75 0.25 -1.22
N ARG A 270 15.81 0.57 -0.32
CA ARG A 270 14.84 -0.36 0.23
C ARG A 270 13.42 0.21 0.06
N GLY A 271 13.26 1.19 -0.81
CA GLY A 271 11.96 1.82 -1.05
C GLY A 271 12.08 2.85 -2.16
N ASP A 272 10.93 3.46 -2.46
CA ASP A 272 10.83 4.38 -3.58
C ASP A 272 10.71 5.85 -3.18
N GLU A 273 10.44 6.13 -1.91
CA GLU A 273 10.19 7.50 -1.47
C GLU A 273 11.44 8.10 -0.81
N THR A 274 11.35 9.39 -0.49
CA THR A 274 12.39 10.15 0.19
C THR A 274 11.89 10.57 1.57
N ASP A 275 12.81 10.81 2.49
CA ASP A 275 12.45 11.17 3.87
C ASP A 275 12.62 12.68 4.01
N ARG A 276 11.50 13.38 4.22
CA ARG A 276 11.59 14.82 4.36
C ARG A 276 11.99 15.20 5.77
N GLY A 277 11.84 14.29 6.73
CA GLY A 277 12.29 14.53 8.09
C GLY A 277 11.21 15.17 8.94
N VAL A 278 11.52 15.30 10.23
CA VAL A 278 10.64 15.96 11.18
C VAL A 278 11.47 17.04 11.89
N ASP A 279 10.79 18.07 12.34
CA ASP A 279 11.43 19.03 13.21
C ASP A 279 11.50 18.47 14.62
N GLN A 280 12.33 19.10 15.44
CA GLN A 280 12.57 18.66 16.81
C GLN A 280 11.70 19.44 17.78
N GLN A 281 10.94 18.73 18.62
CA GLN A 281 10.01 19.41 19.55
C GLN A 281 10.73 20.18 20.68
N MET B 30 18.62 22.09 13.06
CA MET B 30 18.71 20.63 13.07
C MET B 30 17.39 19.86 13.27
N ARG B 31 17.20 18.90 12.38
CA ARG B 31 15.98 18.11 12.24
C ARG B 31 16.32 16.62 12.41
N LEU B 32 15.32 15.76 12.26
CA LEU B 32 15.48 14.36 12.55
C LEU B 32 14.96 13.51 11.39
N PRO B 33 15.48 12.31 11.20
CA PRO B 33 14.85 11.37 10.27
C PRO B 33 13.48 10.96 10.82
N THR B 34 12.68 10.32 10.00
CA THR B 34 11.39 9.90 10.54
C THR B 34 11.54 8.81 11.59
N ARG B 35 12.53 7.94 11.47
CA ARG B 35 12.72 6.90 12.48
C ARG B 35 14.17 6.76 12.91
N SER B 36 14.40 6.73 14.22
CA SER B 36 15.76 6.64 14.73
C SER B 36 15.71 6.28 16.20
N ASP B 37 16.85 5.83 16.74
CA ASP B 37 17.05 5.52 18.17
C ASP B 37 16.19 4.34 18.64
N MET B 38 16.09 3.29 17.82
CA MET B 38 15.37 2.10 18.23
C MET B 38 16.32 0.91 18.22
N ILE B 39 16.13 -0.01 19.17
CA ILE B 39 16.77 -1.31 19.12
C ILE B 39 15.69 -2.38 19.26
N CYS B 40 15.70 -3.35 18.34
N CYS B 40 15.69 -3.36 18.36
CA CYS B 40 14.70 -4.42 18.30
CA CYS B 40 14.70 -4.41 18.37
C CYS B 40 15.43 -5.76 18.49
C CYS B 40 15.40 -5.75 18.49
N GLY B 41 15.03 -6.51 19.54
CA GLY B 41 15.54 -7.85 19.75
C GLY B 41 14.52 -8.90 19.34
N TYR B 42 14.91 -9.80 18.46
CA TYR B 42 14.05 -10.84 17.90
C TYR B 42 14.47 -12.23 18.36
N ALA B 43 13.48 -13.07 18.68
CA ALA B 43 13.75 -14.42 19.15
C ALA B 43 14.21 -15.35 18.06
N CYS B 44 14.01 -15.01 16.80
CA CYS B 44 14.37 -15.94 15.74
C CYS B 44 14.60 -15.13 14.47
N LEU B 45 15.18 -15.77 13.46
CA LEU B 45 15.63 -15.06 12.27
C LEU B 45 14.52 -15.11 11.21
N LYS B 46 14.57 -14.14 10.27
CA LYS B 46 13.60 -14.13 9.16
C LYS B 46 13.48 -15.51 8.54
N GLY B 47 12.28 -16.09 8.57
CA GLY B 47 12.00 -17.40 7.99
C GLY B 47 12.03 -18.57 8.95
N THR B 48 12.80 -18.45 10.03
CA THR B 48 12.92 -19.52 11.01
C THR B 48 11.79 -19.40 12.04
N ALA B 49 11.86 -20.20 13.10
CA ALA B 49 10.84 -20.18 14.14
C ALA B 49 11.49 -20.25 15.50
N ALA B 50 10.73 -19.83 16.51
CA ALA B 50 11.21 -19.74 17.88
C ALA B 50 10.74 -20.97 18.66
N MET B 51 11.59 -21.47 19.53
CA MET B 51 11.23 -22.57 20.41
C MET B 51 10.87 -22.05 21.80
N ARG B 52 9.87 -22.70 22.41
CA ARG B 52 9.37 -22.38 23.74
C ARG B 52 9.21 -23.67 24.54
N ASN B 53 9.63 -23.62 25.80
CA ASN B 53 9.51 -24.79 26.68
C ASN B 53 8.23 -24.68 27.50
N THR B 54 7.38 -25.71 27.40
CA THR B 54 6.05 -25.70 28.00
C THR B 54 6.06 -25.42 29.49
N LYS B 55 7.20 -25.55 30.15
CA LYS B 55 7.35 -25.32 31.58
C LYS B 55 8.24 -24.13 31.91
N ARG B 56 9.37 -23.98 31.23
CA ARG B 56 10.39 -23.00 31.63
C ARG B 56 10.34 -21.72 30.81
N GLY B 57 9.40 -21.58 29.86
CA GLY B 57 9.32 -20.40 29.02
C GLY B 57 10.14 -20.50 27.74
N SER B 58 10.16 -19.38 27.00
CA SER B 58 10.93 -19.25 25.76
C SER B 58 12.43 -19.26 26.03
N TRP B 59 13.18 -19.85 25.08
CA TRP B 59 14.64 -19.81 25.17
C TRP B 59 15.11 -18.37 25.21
N TYR B 60 14.56 -17.54 24.31
CA TYR B 60 14.97 -16.15 24.21
C TYR B 60 14.68 -15.38 25.49
N ILE B 61 13.46 -15.50 26.03
CA ILE B 61 13.12 -14.74 27.23
C ILE B 61 13.94 -15.20 28.42
N GLU B 62 14.11 -16.52 28.58
CA GLU B 62 14.87 -16.99 29.73
C GLU B 62 16.29 -16.45 29.66
N ALA B 63 16.86 -16.42 28.45
CA ALA B 63 18.22 -15.91 28.28
C ALA B 63 18.26 -14.40 28.45
N LEU B 64 17.27 -13.70 27.90
CA LEU B 64 17.26 -12.26 28.01
C LEU B 64 17.19 -11.85 29.48
N ALA B 65 16.33 -12.50 30.24
CA ALA B 65 16.17 -12.06 31.62
C ALA B 65 17.39 -12.44 32.46
N GLN B 66 18.07 -13.53 32.12
CA GLN B 66 19.30 -13.87 32.82
C GLN B 66 20.38 -12.81 32.58
N VAL B 67 20.64 -12.49 31.32
CA VAL B 67 21.75 -11.61 31.00
C VAL B 67 21.45 -10.19 31.47
N PHE B 68 20.26 -9.67 31.14
CA PHE B 68 19.93 -8.31 31.55
C PHE B 68 20.03 -8.17 33.05
N SER B 69 19.45 -9.14 33.77
CA SER B 69 19.48 -9.15 35.23
C SER B 69 20.91 -9.17 35.76
N GLU B 70 21.80 -9.90 35.08
CA GLU B 70 23.16 -10.08 35.56
C GLU B 70 24.12 -8.95 35.17
N ARG B 71 23.93 -8.33 34.01
CA ARG B 71 24.95 -7.47 33.46
C ARG B 71 24.52 -6.02 33.19
N ALA B 72 23.27 -5.64 33.44
CA ALA B 72 22.87 -4.24 33.23
C ALA B 72 23.79 -3.32 33.98
N CYS B 73 24.29 -3.78 35.12
CA CYS B 73 25.16 -2.96 35.94
C CYS B 73 26.39 -2.49 35.18
N ASP B 74 26.91 -3.28 34.23
CA ASP B 74 28.19 -2.94 33.61
C ASP B 74 28.26 -3.14 32.09
N MET B 75 27.22 -3.61 31.43
CA MET B 75 27.29 -3.84 30.00
C MET B 75 26.10 -3.16 29.32
N HIS B 76 26.34 -2.55 28.16
CA HIS B 76 25.26 -1.83 27.51
C HIS B 76 24.39 -2.79 26.70
N VAL B 77 23.16 -2.34 26.44
CA VAL B 77 22.08 -3.25 26.05
C VAL B 77 22.43 -3.99 24.76
N ALA B 78 23.05 -3.31 23.80
CA ALA B 78 23.37 -4.00 22.56
C ALA B 78 24.41 -5.10 22.81
N ASP B 79 25.51 -4.78 23.52
CA ASP B 79 26.45 -5.82 23.93
C ASP B 79 25.74 -6.93 24.70
N MET B 80 24.75 -6.57 25.51
CA MET B 80 24.00 -7.54 26.28
C MET B 80 23.24 -8.48 25.35
N LEU B 81 22.70 -7.92 24.25
CA LEU B 81 21.98 -8.72 23.27
C LEU B 81 22.93 -9.63 22.51
N VAL B 82 24.18 -9.21 22.34
CA VAL B 82 25.17 -10.14 21.83
C VAL B 82 25.27 -11.37 22.72
N LYS B 83 25.31 -11.17 24.04
CA LYS B 83 25.46 -12.30 24.96
C LYS B 83 24.25 -13.23 24.90
N VAL B 84 23.06 -12.69 24.66
CA VAL B 84 21.88 -13.52 24.49
C VAL B 84 22.00 -14.37 23.23
N ASN B 85 22.45 -13.76 22.12
CA ASN B 85 22.76 -14.52 20.93
C ASN B 85 23.63 -15.72 21.28
N ALA B 86 24.70 -15.48 22.05
CA ALA B 86 25.61 -16.54 22.44
C ALA B 86 24.87 -17.72 23.07
N LEU B 87 24.09 -17.44 24.12
CA LEU B 87 23.34 -18.49 24.82
C LEU B 87 22.40 -19.23 23.88
N ILE B 88 21.68 -18.49 23.02
CA ILE B 88 20.70 -19.10 22.12
C ILE B 88 21.39 -19.98 21.07
N LYS B 89 22.56 -19.55 20.59
CA LYS B 89 23.30 -20.37 19.62
C LYS B 89 23.71 -21.72 20.21
N ASP B 90 23.92 -21.78 21.52
CA ASP B 90 24.40 -23.00 22.16
C ASP B 90 23.27 -23.95 22.52
N ARG B 91 22.18 -23.43 23.08
CA ARG B 91 20.99 -24.22 23.38
C ARG B 91 20.60 -25.15 22.22
N GLU B 92 20.11 -26.34 22.56
CA GLU B 92 19.49 -27.23 21.58
C GLU B 92 18.30 -27.95 22.21
N GLY B 93 17.36 -28.36 21.38
CA GLY B 93 16.10 -28.89 21.89
C GLY B 93 16.28 -30.25 22.53
N TYR B 94 15.54 -30.49 23.62
CA TYR B 94 15.44 -31.80 24.24
C TYR B 94 13.98 -32.21 24.23
N ALA B 95 13.65 -33.12 23.31
CA ALA B 95 12.34 -33.73 23.19
C ALA B 95 12.49 -35.03 22.41
N PRO B 96 12.94 -36.11 23.03
CA PRO B 96 13.08 -37.38 22.31
C PRO B 96 11.77 -37.87 21.73
N GLY B 97 11.89 -38.74 20.72
CA GLY B 97 10.78 -39.16 19.90
C GLY B 97 10.45 -38.13 18.84
N THR B 98 9.93 -36.99 19.30
CA THR B 98 9.25 -35.96 18.51
C THR B 98 10.21 -35.26 17.52
N GLU B 99 9.61 -34.48 16.61
CA GLU B 99 10.26 -33.77 15.51
C GLU B 99 11.14 -32.62 15.96
N PHE B 100 11.20 -32.32 17.27
CA PHE B 100 11.94 -31.17 17.77
C PHE B 100 13.21 -31.54 18.54
N HIS B 101 13.67 -32.79 18.44
CA HIS B 101 14.80 -33.23 19.24
C HIS B 101 16.10 -32.78 18.59
N ARG B 102 16.89 -32.03 19.35
CA ARG B 102 18.19 -31.48 18.94
C ARG B 102 18.08 -30.31 17.98
N CYS B 103 16.89 -29.76 17.83
CA CYS B 103 16.69 -28.58 16.99
C CYS B 103 17.42 -27.38 17.59
N LYS B 104 17.75 -26.41 16.73
CA LYS B 104 18.46 -25.19 17.11
C LYS B 104 17.60 -23.96 16.87
N GLU B 105 18.10 -22.82 17.34
CA GLU B 105 17.46 -21.53 17.12
C GLU B 105 18.54 -20.46 17.20
N MET B 106 18.27 -19.31 16.56
CA MET B 106 19.14 -18.12 16.49
C MET B 106 18.35 -16.83 16.63
N SER B 107 18.64 -16.10 17.70
CA SER B 107 18.15 -14.75 17.88
C SER B 107 19.02 -13.75 17.11
N GLU B 108 18.57 -12.50 17.08
CA GLU B 108 19.27 -11.39 16.45
C GLU B 108 18.68 -10.12 17.02
N TYR B 109 19.25 -8.99 16.62
CA TYR B 109 18.74 -7.70 17.07
C TYR B 109 19.14 -6.69 16.04
N CYS B 110 18.36 -5.61 15.95
CA CYS B 110 18.56 -4.57 14.94
C CYS B 110 18.57 -3.22 15.63
N SER B 111 19.44 -2.32 15.16
CA SER B 111 19.70 -1.13 15.93
C SER B 111 19.85 0.09 15.04
N THR B 112 19.11 1.14 15.37
CA THR B 112 19.33 2.48 14.86
C THR B 112 19.72 3.38 16.02
N LEU B 113 20.28 2.79 17.07
CA LEU B 113 20.78 3.59 18.18
C LEU B 113 21.97 4.37 17.68
N CYS B 114 22.21 5.49 18.35
CA CYS B 114 23.32 6.37 18.00
C CYS B 114 24.22 6.65 19.19
N ARG B 115 24.07 5.87 20.26
CA ARG B 115 24.89 6.00 21.47
C ARG B 115 24.83 4.66 22.19
N HIS B 116 25.74 4.49 23.14
CA HIS B 116 25.58 3.36 24.05
C HIS B 116 24.27 3.51 24.80
N LEU B 117 23.70 2.39 25.18
CA LEU B 117 22.47 2.36 25.97
C LEU B 117 22.81 1.57 27.22
N TYR B 118 23.15 2.29 28.28
CA TYR B 118 23.38 1.69 29.58
C TYR B 118 22.12 1.93 30.38
N LEU B 119 21.69 0.93 31.13
CA LEU B 119 20.48 1.13 31.93
C LEU B 119 20.78 1.66 33.33
N PHE B 120 22.03 1.76 33.69
CA PHE B 120 22.44 2.35 34.96
C PHE B 120 21.56 1.94 36.13
N PRO B 121 21.34 0.65 36.35
CA PRO B 121 20.48 0.24 37.47
C PRO B 121 21.02 0.74 38.80
N GLY B 122 20.11 1.22 39.63
CA GLY B 122 20.46 1.67 40.97
C GLY B 122 20.16 0.65 42.05
N GLY B 123 19.37 -0.36 41.69
CA GLY B 123 19.06 -1.42 42.62
C GLY B 123 18.11 -2.40 41.95
N GLY B 124 17.50 -3.26 42.76
CA GLY B 124 16.67 -4.34 42.23
C GLY B 124 17.52 -5.44 41.62
N VAL B 125 18.19 -5.15 40.51
CA VAL B 125 19.28 -5.98 40.04
C VAL B 125 20.57 -5.36 40.57
N LYS B 126 21.69 -6.03 40.34
CA LYS B 126 22.98 -5.51 40.76
C LYS B 126 23.16 -4.10 40.21
N PRO B 127 23.48 -3.13 41.05
CA PRO B 127 23.52 -1.74 40.59
C PRO B 127 24.87 -1.39 40.00
N CYS B 128 24.89 -0.31 39.23
CA CYS B 128 26.18 0.16 38.76
C CYS B 128 26.85 0.93 39.88
N THR B 129 28.19 0.87 39.91
CA THR B 129 28.96 1.68 40.83
C THR B 129 28.85 3.15 40.42
N PRO B 130 29.15 4.08 41.34
CA PRO B 130 29.13 5.51 40.94
C PRO B 130 30.29 5.90 40.05
N GLU B 131 31.43 5.23 40.18
CA GLU B 131 32.54 5.46 39.25
C GLU B 131 32.15 5.06 37.84
N PHE B 132 31.41 3.95 37.70
CA PHE B 132 30.99 3.47 36.39
C PHE B 132 30.17 4.52 35.67
N TYR B 133 29.15 5.06 36.34
CA TYR B 133 28.37 6.14 35.73
C TYR B 133 29.27 7.31 35.35
N GLN B 134 30.08 7.79 36.30
CA GLN B 134 30.93 8.96 36.06
C GLN B 134 31.81 8.79 34.82
N THR B 135 32.25 7.57 34.53
CA THR B 135 33.08 7.37 33.35
C THR B 135 32.26 7.08 32.08
N HIS B 136 31.05 6.54 32.20
CA HIS B 136 30.32 6.13 31.02
C HIS B 136 29.16 7.03 30.66
N PHE B 137 28.79 7.97 31.53
CA PHE B 137 27.53 8.68 31.30
C PHE B 137 27.62 9.60 30.09
N GLN B 138 28.78 10.23 29.86
CA GLN B 138 28.86 11.27 28.83
C GLN B 138 28.78 10.72 27.41
N LEU B 139 29.09 9.44 27.18
CA LEU B 139 29.02 8.88 25.84
C LEU B 139 27.79 7.95 25.64
N ALA B 140 26.73 8.16 26.42
CA ALA B 140 25.60 7.25 26.45
C ALA B 140 24.29 8.04 26.48
N TYR B 141 23.20 7.38 26.12
CA TYR B 141 21.90 8.02 26.26
C TYR B 141 21.70 8.40 27.72
N ARG B 142 21.14 9.60 27.95
CA ARG B 142 20.67 9.93 29.29
C ARG B 142 19.64 8.91 29.76
N LEU B 143 19.98 8.22 30.85
CA LEU B 143 19.13 7.20 31.42
C LEU B 143 19.18 7.33 32.94
N GLN B 144 18.48 8.35 33.45
CA GLN B 144 18.53 8.76 34.85
C GLN B 144 17.16 9.02 35.46
N SER B 145 16.10 9.09 34.67
CA SER B 145 14.82 9.42 35.26
C SER B 145 14.37 8.29 36.17
N ARG B 146 13.33 8.58 36.97
CA ARG B 146 12.73 7.62 37.91
C ARG B 146 11.22 7.78 37.76
N PRO B 147 10.52 6.85 37.08
CA PRO B 147 11.03 5.62 36.48
C PRO B 147 11.97 5.88 35.34
N ARG B 148 12.72 4.84 34.92
CA ARG B 148 13.60 4.98 33.76
C ARG B 148 12.78 5.09 32.47
N GLY B 149 11.57 4.58 32.48
CA GLY B 149 10.73 4.67 31.32
C GLY B 149 9.46 3.97 31.70
N LEU B 150 8.47 4.07 30.81
CA LEU B 150 7.33 3.20 30.87
C LEU B 150 7.69 1.93 30.11
N ALA B 151 7.10 0.81 30.50
CA ALA B 151 7.33 -0.43 29.77
C ALA B 151 5.99 -1.10 29.53
N LEU B 152 5.79 -1.67 28.33
CA LEU B 152 4.55 -2.37 28.03
C LEU B 152 4.83 -3.82 27.71
N VAL B 153 4.16 -4.75 28.39
CA VAL B 153 4.38 -6.17 28.15
C VAL B 153 3.05 -6.77 27.71
N LEU B 154 3.01 -7.27 26.47
CA LEU B 154 1.78 -7.62 25.76
C LEU B 154 1.87 -9.07 25.33
N SER B 155 1.21 -9.99 26.04
CA SER B 155 1.30 -11.43 25.76
C SER B 155 -0.03 -12.00 25.32
N ASN B 156 -0.03 -12.72 24.21
CA ASN B 156 -1.16 -13.50 23.74
C ASN B 156 -0.84 -14.99 23.86
N VAL B 157 -1.53 -15.70 24.76
CA VAL B 157 -1.32 -17.13 24.89
C VAL B 157 -2.53 -17.96 24.45
N HIS B 158 -3.75 -17.41 24.48
CA HIS B 158 -4.98 -18.18 24.23
C HIS B 158 -5.59 -17.74 22.91
N PHE B 159 -5.56 -18.62 21.91
CA PHE B 159 -6.03 -18.28 20.59
C PHE B 159 -7.26 -19.08 20.24
N THR B 160 -8.21 -18.41 19.58
CA THR B 160 -9.60 -18.81 19.46
C THR B 160 -10.12 -18.28 18.11
N GLY B 161 -9.61 -18.84 17.01
CA GLY B 161 -9.98 -18.32 15.71
C GLY B 161 -9.88 -19.34 14.60
N GLU B 162 -10.14 -18.86 13.37
CA GLU B 162 -10.19 -19.72 12.20
C GLU B 162 -8.83 -20.26 11.79
N LYS B 163 -7.73 -19.68 12.29
CA LYS B 163 -6.41 -20.20 11.98
C LYS B 163 -6.04 -21.34 12.92
N GLU B 164 -4.97 -22.04 12.57
CA GLU B 164 -4.53 -23.19 13.33
C GLU B 164 -3.49 -22.79 14.38
N LEU B 165 -3.92 -21.92 15.30
CA LEU B 165 -3.01 -21.36 16.31
C LEU B 165 -3.26 -22.02 17.66
N GLU B 166 -2.25 -22.72 18.18
CA GLU B 166 -2.38 -23.48 19.41
C GLU B 166 -2.04 -22.66 20.65
N PHE B 167 -2.40 -23.23 21.79
CA PHE B 167 -2.16 -22.60 23.07
C PHE B 167 -0.66 -22.46 23.32
N ARG B 168 -0.24 -21.28 23.75
CA ARG B 168 1.19 -21.03 23.94
C ARG B 168 1.56 -21.40 25.37
N SER B 169 1.68 -22.72 25.59
CA SER B 169 2.20 -23.26 26.83
C SER B 169 3.50 -22.59 27.24
N GLY B 170 3.60 -22.26 28.52
CA GLY B 170 4.76 -21.55 29.01
C GLY B 170 4.75 -20.06 28.75
N GLY B 171 3.85 -19.58 27.88
CA GLY B 171 3.71 -18.16 27.68
C GLY B 171 3.44 -17.37 28.95
N ASP B 172 2.99 -18.01 30.05
CA ASP B 172 2.78 -17.22 31.25
C ASP B 172 4.07 -16.94 31.99
N VAL B 173 5.03 -17.88 31.97
CA VAL B 173 6.33 -17.65 32.61
C VAL B 173 7.06 -16.50 31.95
N ASP B 174 7.08 -16.49 30.61
CA ASP B 174 7.67 -15.38 29.89
C ASP B 174 7.04 -14.07 30.33
N HIS B 175 5.73 -14.04 30.50
CA HIS B 175 5.05 -12.80 30.81
C HIS B 175 5.50 -12.25 32.15
N SER B 176 5.49 -13.11 33.18
N SER B 176 5.51 -13.10 33.20
CA SER B 176 5.87 -12.67 34.53
CA SER B 176 5.88 -12.65 34.53
C SER B 176 7.37 -12.47 34.67
C SER B 176 7.39 -12.50 34.71
N THR B 177 8.17 -13.20 33.91
CA THR B 177 9.61 -12.97 33.89
C THR B 177 9.91 -11.54 33.44
N LEU B 178 9.34 -11.11 32.31
CA LEU B 178 9.60 -9.77 31.80
C LEU B 178 9.05 -8.70 32.73
N VAL B 179 7.82 -8.87 33.23
CA VAL B 179 7.23 -7.90 34.16
C VAL B 179 8.14 -7.72 35.38
N THR B 180 8.63 -8.83 35.95
CA THR B 180 9.53 -8.71 37.08
C THR B 180 10.87 -8.13 36.67
N LEU B 181 11.38 -8.55 35.51
CA LEU B 181 12.65 -8.02 35.03
C LEU B 181 12.57 -6.52 34.84
N PHE B 182 11.57 -6.04 34.12
CA PHE B 182 11.53 -4.62 33.81
C PHE B 182 11.23 -3.80 35.06
N LYS B 183 10.55 -4.37 36.04
CA LYS B 183 10.40 -3.64 37.30
C LYS B 183 11.74 -3.53 38.02
N LEU B 184 12.47 -4.64 38.10
CA LEU B 184 13.76 -4.61 38.77
C LEU B 184 14.70 -3.60 38.11
N LEU B 185 14.58 -3.42 36.80
CA LEU B 185 15.46 -2.48 36.08
C LEU B 185 15.00 -1.02 36.16
N GLY B 186 13.79 -0.75 36.64
CA GLY B 186 13.39 0.59 36.99
C GLY B 186 12.24 1.15 36.17
N TYR B 187 11.39 0.29 35.61
CA TYR B 187 10.42 0.69 34.62
C TYR B 187 9.01 0.59 35.17
N ASP B 188 8.17 1.52 34.78
CA ASP B 188 6.77 1.50 35.16
C ASP B 188 6.06 0.56 34.19
N VAL B 189 5.69 -0.64 34.65
CA VAL B 189 5.38 -1.72 33.72
C VAL B 189 3.88 -1.78 33.47
N HIS B 190 3.47 -1.49 32.25
CA HIS B 190 2.10 -1.70 31.80
C HIS B 190 1.99 -3.08 31.16
N VAL B 191 0.87 -3.76 31.39
CA VAL B 191 0.68 -5.11 30.87
C VAL B 191 -0.62 -5.17 30.10
N LEU B 192 -0.66 -6.11 29.15
CA LEU B 192 -1.84 -6.37 28.34
C LEU B 192 -1.82 -7.84 28.00
N CYS B 193 -2.97 -8.52 28.14
CA CYS B 193 -3.08 -9.97 27.93
C CYS B 193 -4.18 -10.30 26.94
N ASP B 194 -3.86 -11.19 25.98
CA ASP B 194 -4.82 -11.77 25.04
C ASP B 194 -5.62 -10.72 24.28
N GLN B 195 -5.04 -10.11 23.26
CA GLN B 195 -5.67 -9.00 22.54
C GLN B 195 -5.88 -9.37 21.09
N THR B 196 -6.87 -8.73 20.47
CA THR B 196 -7.04 -8.89 19.04
C THR B 196 -6.12 -7.90 18.33
N ALA B 197 -5.83 -8.19 17.07
CA ALA B 197 -4.94 -7.30 16.32
C ALA B 197 -5.42 -5.85 16.38
N GLN B 198 -6.73 -5.62 16.40
CA GLN B 198 -7.18 -4.23 16.52
C GLN B 198 -6.84 -3.69 17.89
N GLU B 199 -7.17 -4.44 18.93
CA GLU B 199 -6.86 -3.96 20.28
C GLU B 199 -5.37 -3.72 20.46
N MET B 200 -4.51 -4.52 19.83
CA MET B 200 -3.11 -4.15 19.98
C MET B 200 -2.76 -2.89 19.21
N GLN B 201 -3.33 -2.67 18.04
CA GLN B 201 -3.06 -1.41 17.36
C GLN B 201 -3.60 -0.26 18.19
N GLU B 202 -4.85 -0.36 18.63
CA GLU B 202 -5.45 0.76 19.34
C GLU B 202 -4.75 1.02 20.67
N LYS B 203 -4.36 -0.04 21.39
CA LYS B 203 -3.76 0.16 22.71
C LYS B 203 -2.25 0.44 22.65
N LEU B 204 -1.52 -0.17 21.71
CA LEU B 204 -0.13 0.26 21.54
C LEU B 204 -0.07 1.74 21.25
N GLN B 205 -1.02 2.25 20.45
CA GLN B 205 -1.01 3.68 20.15
C GLN B 205 -1.31 4.53 21.38
N ASN B 206 -2.27 4.11 22.21
CA ASN B 206 -2.53 4.86 23.43
C ASN B 206 -1.32 4.89 24.31
N PHE B 207 -0.66 3.74 24.48
CA PHE B 207 0.59 3.68 25.23
C PHE B 207 1.62 4.63 24.66
N ALA B 208 1.76 4.67 23.33
CA ALA B 208 2.76 5.53 22.73
C ALA B 208 2.48 7.00 23.00
N GLN B 209 1.21 7.37 23.25
CA GLN B 209 0.85 8.77 23.40
C GLN B 209 0.72 9.19 24.86
N LEU B 210 1.00 8.30 25.80
CA LEU B 210 0.94 8.64 27.21
C LEU B 210 1.80 9.86 27.49
N PRO B 211 1.37 10.77 28.37
CA PRO B 211 2.14 12.00 28.61
C PRO B 211 3.39 11.80 29.45
N ALA B 212 3.56 10.66 30.11
CA ALA B 212 4.75 10.44 30.92
C ALA B 212 6.01 10.35 30.08
N HIS B 213 5.89 9.98 28.80
CA HIS B 213 7.07 9.91 27.94
C HIS B 213 7.78 11.25 27.83
N ARG B 214 7.09 12.35 28.15
CA ARG B 214 7.76 13.64 27.99
C ARG B 214 8.92 13.77 28.96
N VAL B 215 8.79 13.21 30.16
CA VAL B 215 9.79 13.37 31.20
C VAL B 215 10.64 12.12 31.45
N THR B 216 10.17 10.92 31.07
CA THR B 216 11.01 9.73 31.20
C THR B 216 12.13 9.75 30.16
N ASP B 217 13.06 8.80 30.29
CA ASP B 217 14.27 8.83 29.49
C ASP B 217 14.38 7.72 28.46
N SER B 218 13.54 6.70 28.53
CA SER B 218 13.61 5.65 27.53
C SER B 218 12.25 4.97 27.48
N CYS B 219 12.18 3.83 26.79
CA CYS B 219 10.90 3.15 26.57
C CYS B 219 11.18 1.69 26.22
N ILE B 220 10.26 0.81 26.62
CA ILE B 220 10.40 -0.62 26.38
C ILE B 220 9.05 -1.17 25.97
N VAL B 221 8.96 -1.80 24.79
CA VAL B 221 7.77 -2.55 24.38
C VAL B 221 8.15 -4.03 24.21
N ALA B 222 7.32 -4.93 24.73
CA ALA B 222 7.58 -6.36 24.63
C ALA B 222 6.33 -7.07 24.12
N LEU B 223 6.42 -7.66 22.93
CA LEU B 223 5.30 -8.31 22.27
C LEU B 223 5.57 -9.80 22.25
N LEU B 224 4.72 -10.58 22.93
CA LEU B 224 4.87 -12.03 22.95
C LEU B 224 3.60 -12.64 22.37
N SER B 225 3.72 -13.34 21.25
CA SER B 225 2.56 -13.89 20.56
C SER B 225 3.04 -14.84 19.47
N HIS B 226 2.10 -15.47 18.78
CA HIS B 226 2.44 -16.14 17.53
C HIS B 226 2.66 -15.10 16.43
N GLY B 227 3.22 -15.53 15.33
CA GLY B 227 3.30 -14.58 14.25
C GLY B 227 3.97 -15.18 13.05
N VAL B 228 4.16 -14.32 12.06
CA VAL B 228 4.85 -14.64 10.84
C VAL B 228 5.94 -13.60 10.62
N GLU B 229 6.69 -13.78 9.54
CA GLU B 229 7.65 -12.77 9.16
C GLU B 229 7.03 -11.39 9.05
N GLY B 230 7.43 -10.48 9.92
CA GLY B 230 7.02 -9.11 9.81
C GLY B 230 5.75 -8.77 10.53
N ALA B 231 5.02 -9.75 11.05
CA ALA B 231 3.79 -9.45 11.77
C ALA B 231 3.59 -10.45 12.91
N ILE B 232 2.71 -10.08 13.84
CA ILE B 232 2.37 -10.94 14.97
C ILE B 232 0.84 -11.04 15.05
N TYR B 233 0.37 -12.19 15.55
CA TYR B 233 -1.06 -12.50 15.54
C TYR B 233 -1.71 -11.97 16.79
N GLY B 234 -2.98 -11.50 16.62
CA GLY B 234 -3.87 -11.33 17.75
C GLY B 234 -4.58 -12.63 18.06
N VAL B 235 -5.29 -12.65 19.20
CA VAL B 235 -6.02 -13.85 19.58
C VAL B 235 -7.13 -14.19 18.58
N ASP B 236 -7.55 -13.24 17.74
CA ASP B 236 -8.54 -13.51 16.70
C ASP B 236 -7.91 -14.05 15.42
N GLY B 237 -6.63 -14.37 15.44
CA GLY B 237 -5.97 -14.86 14.24
C GLY B 237 -5.76 -13.81 13.17
N LYS B 238 -5.98 -12.53 13.48
CA LYS B 238 -5.64 -11.43 12.59
C LYS B 238 -4.23 -10.94 12.87
N LEU B 239 -3.63 -10.26 11.87
CA LEU B 239 -2.21 -9.89 11.88
C LEU B 239 -1.98 -8.41 12.10
N LEU B 240 -1.02 -8.08 12.96
CA LEU B 240 -0.57 -6.71 13.16
C LEU B 240 0.84 -6.59 12.60
N GLN B 241 1.01 -5.81 11.54
CA GLN B 241 2.31 -5.66 10.93
C GLN B 241 3.26 -4.91 11.86
N LEU B 242 4.44 -5.48 12.06
CA LEU B 242 5.37 -4.87 13.01
C LEU B 242 5.83 -3.50 12.55
N GLN B 243 5.77 -3.20 11.24
CA GLN B 243 6.18 -1.88 10.79
C GLN B 243 5.24 -0.80 11.29
N GLU B 244 3.93 -1.10 11.34
CA GLU B 244 2.99 -0.18 11.97
C GLU B 244 3.30 0.04 13.47
N VAL B 245 3.69 -1.03 14.19
CA VAL B 245 3.99 -0.88 15.60
C VAL B 245 5.15 0.08 15.80
N PHE B 246 6.28 -0.16 15.12
CA PHE B 246 7.44 0.72 15.31
C PHE B 246 7.12 2.15 14.90
N GLN B 247 6.32 2.29 13.84
CA GLN B 247 5.89 3.60 13.41
C GLN B 247 5.22 4.39 14.53
N LEU B 248 4.46 3.72 15.40
CA LEU B 248 3.77 4.47 16.46
C LEU B 248 4.74 5.17 17.41
N PHE B 249 6.01 4.77 17.43
CA PHE B 249 6.98 5.32 18.36
C PHE B 249 8.05 6.14 17.65
N ASP B 250 7.84 6.48 16.38
CA ASP B 250 8.91 7.14 15.64
C ASP B 250 8.89 8.64 15.92
N ASN B 251 9.78 9.38 15.26
CA ASN B 251 9.93 10.78 15.61
C ASN B 251 8.71 11.59 15.21
N ALA B 252 8.00 11.18 14.17
CA ALA B 252 6.88 11.96 13.71
C ALA B 252 5.65 11.74 14.57
N ASN B 253 5.42 10.50 15.04
CA ASN B 253 4.23 10.21 15.81
C ASN B 253 4.42 10.29 17.31
N CYS B 254 5.67 10.30 17.79
CA CYS B 254 5.98 10.25 19.22
C CYS B 254 7.03 11.29 19.58
N PRO B 255 6.68 12.57 19.47
CA PRO B 255 7.69 13.62 19.69
C PRO B 255 8.28 13.58 21.07
N SER B 256 7.56 13.07 22.06
CA SER B 256 8.09 13.04 23.43
C SER B 256 9.23 12.07 23.60
N LEU B 257 9.35 11.08 22.71
CA LEU B 257 10.48 10.15 22.74
C LEU B 257 11.55 10.47 21.71
N GLN B 258 11.46 11.62 21.01
CA GLN B 258 12.52 12.01 20.08
C GLN B 258 13.86 12.00 20.80
N ASN B 259 14.87 11.41 20.16
CA ASN B 259 16.23 11.25 20.68
C ASN B 259 16.29 10.42 21.93
N LYS B 260 15.22 9.71 22.27
CA LYS B 260 15.29 8.87 23.43
C LYS B 260 15.34 7.43 22.97
N PRO B 261 16.08 6.54 23.65
CA PRO B 261 16.22 5.17 23.17
C PRO B 261 14.97 4.37 23.45
N LYS B 262 14.56 3.57 22.46
CA LYS B 262 13.32 2.81 22.51
C LYS B 262 13.64 1.36 22.21
N MET B 263 13.38 0.47 23.16
CA MET B 263 13.71 -0.94 23.04
C MET B 263 12.45 -1.72 22.68
N PHE B 264 12.59 -2.68 21.77
CA PHE B 264 11.51 -3.61 21.47
C PHE B 264 12.03 -5.03 21.61
N PHE B 265 11.32 -5.89 22.31
CA PHE B 265 11.64 -7.31 22.33
C PHE B 265 10.44 -8.06 21.76
N ILE B 266 10.68 -8.82 20.67
CA ILE B 266 9.60 -9.48 19.90
C ILE B 266 9.76 -11.00 19.98
N GLN B 267 8.91 -11.65 20.74
CA GLN B 267 8.90 -13.10 20.87
C GLN B 267 7.76 -13.61 20.02
N ALA B 268 8.08 -14.13 18.85
CA ALA B 268 7.08 -14.59 17.90
C ALA B 268 7.82 -15.32 16.80
N CYS B 269 7.17 -16.31 16.22
CA CYS B 269 7.78 -16.96 15.06
C CYS B 269 7.83 -16.02 13.87
N ARG B 270 8.82 -16.26 13.01
CA ARG B 270 8.98 -15.55 11.76
C ARG B 270 8.89 -16.54 10.60
N GLY B 271 8.12 -17.61 10.80
CA GLY B 271 8.02 -18.68 9.84
C GLY B 271 7.29 -19.87 10.44
N ASP B 272 7.52 -21.04 9.83
CA ASP B 272 6.86 -22.26 10.26
C ASP B 272 7.76 -23.48 10.07
N GLU B 273 9.07 -23.28 9.94
CA GLU B 273 10.04 -24.34 9.65
C GLU B 273 10.93 -24.56 10.87
N THR B 274 11.18 -25.82 11.18
CA THR B 274 12.08 -26.20 12.27
C THR B 274 13.52 -26.23 11.75
N ASP B 275 14.47 -25.70 12.53
CA ASP B 275 15.90 -25.74 12.21
C ASP B 275 16.51 -27.01 12.80
N ARG B 276 16.93 -27.93 11.93
CA ARG B 276 17.51 -29.18 12.40
C ARG B 276 18.96 -29.01 12.84
N GLY B 277 19.59 -27.89 12.52
CA GLY B 277 20.94 -27.64 13.00
C GLY B 277 21.98 -28.11 12.02
N VAL B 278 23.24 -27.92 12.39
CA VAL B 278 24.32 -28.22 11.46
C VAL B 278 25.50 -28.74 12.26
N ASP B 279 26.07 -29.86 11.84
CA ASP B 279 27.26 -30.38 12.50
C ASP B 279 28.45 -29.44 12.30
N GLN B 280 29.38 -29.46 13.24
CA GLN B 280 30.49 -28.52 13.23
C GLN B 280 31.71 -29.17 12.60
N GLN B 281 32.00 -28.82 11.34
CA GLN B 281 33.09 -29.46 10.56
C GLN B 281 34.48 -29.36 11.19
N MET C 30 -29.34 31.14 -19.55
CA MET C 30 -28.72 29.86 -19.16
C MET C 30 -27.66 29.29 -20.08
N ARG C 31 -26.76 28.53 -19.44
CA ARG C 31 -25.58 28.00 -20.06
C ARG C 31 -25.37 26.57 -19.59
N LEU C 32 -24.58 25.81 -20.36
CA LEU C 32 -24.32 24.41 -20.07
C LEU C 32 -22.91 24.22 -19.54
N PRO C 33 -22.64 23.16 -18.77
CA PRO C 33 -21.25 22.77 -18.53
C PRO C 33 -20.66 22.31 -19.86
N THR C 34 -19.34 22.13 -19.90
CA THR C 34 -18.72 21.71 -21.15
C THR C 34 -19.15 20.32 -21.55
N ARG C 35 -19.47 19.46 -20.58
CA ARG C 35 -19.85 18.09 -20.86
C ARG C 35 -21.00 17.65 -19.99
N SER C 36 -21.98 16.97 -20.59
CA SER C 36 -23.19 16.52 -19.90
C SER C 36 -23.98 15.60 -20.83
N ASP C 37 -25.02 14.97 -20.27
CA ASP C 37 -25.99 14.16 -21.02
C ASP C 37 -25.32 13.03 -21.79
N MET C 38 -24.40 12.33 -21.13
CA MET C 38 -23.83 11.10 -21.67
C MET C 38 -24.02 9.93 -20.73
N ILE C 39 -24.03 8.75 -21.31
CA ILE C 39 -23.97 7.52 -20.54
C ILE C 39 -23.00 6.62 -21.30
N CYS C 40 -22.17 5.91 -20.55
N CYS C 40 -22.19 5.87 -20.55
CA CYS C 40 -21.16 5.05 -21.13
CA CYS C 40 -21.12 5.07 -21.14
C CYS C 40 -21.19 3.68 -20.47
C CYS C 40 -21.10 3.69 -20.49
N GLY C 41 -21.28 2.64 -21.29
CA GLY C 41 -21.22 1.28 -20.80
C GLY C 41 -19.84 0.72 -21.08
N TYR C 42 -19.25 0.10 -20.06
CA TYR C 42 -17.94 -0.52 -20.18
C TYR C 42 -18.06 -2.00 -19.86
N ALA C 43 -17.35 -2.83 -20.64
CA ALA C 43 -17.38 -4.27 -20.50
C ALA C 43 -16.72 -4.78 -19.22
N CYS C 44 -15.78 -4.02 -18.65
CA CYS C 44 -15.12 -4.44 -17.40
C CYS C 44 -14.83 -3.21 -16.54
N LEU C 45 -14.17 -3.45 -15.41
CA LEU C 45 -13.88 -2.41 -14.44
C LEU C 45 -12.42 -1.99 -14.53
N LYS C 46 -12.14 -0.77 -14.07
CA LYS C 46 -10.78 -0.27 -13.81
C LYS C 46 -9.78 -1.38 -13.53
N GLY C 47 -8.72 -1.45 -14.34
CA GLY C 47 -7.66 -2.39 -14.06
C GLY C 47 -7.96 -3.86 -14.29
N THR C 48 -9.16 -4.21 -14.78
CA THR C 48 -9.52 -5.61 -15.01
C THR C 48 -9.72 -5.89 -16.50
N ALA C 49 -9.91 -7.18 -16.81
CA ALA C 49 -10.00 -7.62 -18.19
C ALA C 49 -11.40 -8.11 -18.53
N ALA C 50 -11.69 -8.05 -19.83
CA ALA C 50 -12.99 -8.40 -20.39
C ALA C 50 -12.84 -9.67 -21.19
N MET C 51 -13.87 -10.50 -21.11
CA MET C 51 -13.83 -11.83 -21.69
C MET C 51 -14.56 -11.86 -23.02
N ARG C 52 -14.14 -12.77 -23.88
CA ARG C 52 -14.66 -12.87 -25.23
C ARG C 52 -14.72 -14.35 -25.57
N ASN C 53 -15.79 -14.79 -26.24
CA ASN C 53 -15.93 -16.17 -26.64
C ASN C 53 -15.65 -16.26 -28.16
N THR C 54 -14.62 -17.03 -28.53
CA THR C 54 -14.17 -17.16 -29.91
C THR C 54 -15.24 -17.60 -30.91
N LYS C 55 -16.41 -18.02 -30.43
CA LYS C 55 -17.55 -18.26 -31.31
C LYS C 55 -18.60 -17.18 -31.13
N ARG C 56 -19.10 -17.01 -29.92
CA ARG C 56 -20.29 -16.22 -29.63
C ARG C 56 -19.99 -14.75 -29.39
N GLY C 57 -18.73 -14.35 -29.27
CA GLY C 57 -18.42 -12.96 -29.02
C GLY C 57 -18.31 -12.60 -27.55
N SER C 58 -18.17 -11.30 -27.32
CA SER C 58 -17.95 -10.78 -25.97
C SER C 58 -19.16 -11.09 -25.09
N TRP C 59 -18.87 -11.40 -23.81
CA TRP C 59 -19.96 -11.54 -22.86
C TRP C 59 -20.82 -10.29 -22.82
N TYR C 60 -20.19 -9.13 -22.88
CA TYR C 60 -20.92 -7.89 -22.68
C TYR C 60 -21.86 -7.60 -23.84
N ILE C 61 -21.30 -7.57 -25.06
CA ILE C 61 -22.14 -7.30 -26.23
C ILE C 61 -23.29 -8.29 -26.30
N GLU C 62 -23.01 -9.56 -26.02
CA GLU C 62 -24.05 -10.57 -26.00
C GLU C 62 -25.16 -10.19 -25.01
N ALA C 63 -24.79 -9.89 -23.77
CA ALA C 63 -25.81 -9.50 -22.78
C ALA C 63 -26.43 -8.16 -23.11
N LEU C 64 -25.68 -7.25 -23.72
CA LEU C 64 -26.23 -5.94 -24.04
C LEU C 64 -27.35 -6.06 -25.06
N ALA C 65 -27.14 -6.88 -26.09
CA ALA C 65 -28.14 -7.04 -27.14
C ALA C 65 -29.35 -7.83 -26.67
N GLN C 66 -29.14 -8.78 -25.74
CA GLN C 66 -30.25 -9.55 -25.22
C GLN C 66 -31.21 -8.67 -24.44
N VAL C 67 -30.69 -7.93 -23.47
CA VAL C 67 -31.55 -7.05 -22.69
C VAL C 67 -32.17 -5.99 -23.58
N PHE C 68 -31.38 -5.43 -24.50
CA PHE C 68 -31.90 -4.31 -25.28
C PHE C 68 -32.99 -4.72 -26.26
N SER C 69 -32.98 -5.97 -26.75
CA SER C 69 -34.09 -6.43 -27.57
C SER C 69 -35.37 -6.50 -26.76
N GLU C 70 -35.36 -7.32 -25.70
CA GLU C 70 -36.56 -7.58 -24.91
C GLU C 70 -37.16 -6.32 -24.32
N ARG C 71 -36.32 -5.41 -23.84
CA ARG C 71 -36.78 -4.48 -22.83
C ARG C 71 -36.74 -3.01 -23.22
N ALA C 72 -36.27 -2.67 -24.43
CA ALA C 72 -36.17 -1.26 -24.82
C ALA C 72 -37.52 -0.56 -24.79
N CYS C 73 -38.61 -1.31 -24.89
CA CYS C 73 -39.94 -0.72 -24.98
C CYS C 73 -40.39 -0.17 -23.64
N ASP C 74 -40.15 -0.92 -22.56
CA ASP C 74 -40.72 -0.62 -21.26
C ASP C 74 -39.67 -0.36 -20.18
N MET C 75 -38.48 0.10 -20.56
CA MET C 75 -37.37 0.23 -19.64
C MET C 75 -36.36 1.20 -20.22
N HIS C 76 -35.81 2.10 -19.38
CA HIS C 76 -34.87 3.10 -19.90
C HIS C 76 -33.44 2.61 -19.79
N VAL C 77 -32.52 3.31 -20.47
CA VAL C 77 -31.24 2.71 -20.80
C VAL C 77 -30.41 2.44 -19.53
N ALA C 78 -30.45 3.36 -18.56
CA ALA C 78 -29.77 3.16 -17.29
C ALA C 78 -30.28 1.91 -16.57
N ASP C 79 -31.60 1.71 -16.52
CA ASP C 79 -32.11 0.48 -15.90
C ASP C 79 -31.79 -0.75 -16.73
N MET C 80 -31.70 -0.60 -18.06
CA MET C 80 -31.30 -1.71 -18.92
C MET C 80 -29.87 -2.14 -18.61
N LEU C 81 -28.95 -1.18 -18.43
CA LEU C 81 -27.57 -1.56 -18.12
C LEU C 81 -27.43 -2.21 -16.74
N VAL C 82 -28.37 -1.97 -15.82
CA VAL C 82 -28.37 -2.72 -14.55
C VAL C 82 -28.64 -4.19 -14.82
N LYS C 83 -29.65 -4.49 -15.66
CA LYS C 83 -29.87 -5.87 -16.08
C LYS C 83 -28.64 -6.47 -16.74
N VAL C 84 -27.98 -5.73 -17.63
CA VAL C 84 -26.75 -6.24 -18.20
C VAL C 84 -25.76 -6.57 -17.09
N ASN C 85 -25.61 -5.66 -16.12
CA ASN C 85 -24.75 -5.91 -14.96
C ASN C 85 -25.08 -7.23 -14.30
N ALA C 86 -26.37 -7.46 -14.06
CA ALA C 86 -26.76 -8.70 -13.40
C ALA C 86 -26.34 -9.91 -14.22
N LEU C 87 -26.52 -9.84 -15.54
CA LEU C 87 -26.19 -10.98 -16.39
C LEU C 87 -24.71 -11.27 -16.36
N ILE C 88 -23.87 -10.26 -16.66
CA ILE C 88 -22.43 -10.45 -16.61
C ILE C 88 -21.99 -11.01 -15.27
N LYS C 89 -22.65 -10.62 -14.18
CA LYS C 89 -22.10 -11.00 -12.88
C LYS C 89 -22.34 -12.48 -12.58
N ASP C 90 -23.42 -13.05 -13.11
CA ASP C 90 -23.70 -14.47 -12.98
C ASP C 90 -22.89 -15.33 -13.95
N ARG C 91 -22.46 -14.77 -15.07
CA ARG C 91 -21.74 -15.59 -16.03
C ARG C 91 -20.39 -16.01 -15.46
N GLU C 92 -19.94 -17.21 -15.84
CA GLU C 92 -18.57 -17.61 -15.56
C GLU C 92 -18.01 -18.41 -16.73
N GLY C 93 -16.70 -18.31 -16.91
CA GLY C 93 -16.09 -18.88 -18.09
C GLY C 93 -16.01 -20.38 -18.01
N TYR C 94 -16.09 -21.01 -19.18
CA TYR C 94 -15.98 -22.45 -19.33
C TYR C 94 -14.86 -22.75 -20.31
N ALA C 95 -13.80 -23.37 -19.80
CA ALA C 95 -12.60 -23.69 -20.55
C ALA C 95 -11.71 -24.54 -19.65
N PRO C 96 -12.06 -25.81 -19.42
CA PRO C 96 -11.34 -26.61 -18.41
C PRO C 96 -9.86 -26.72 -18.74
N GLY C 97 -9.03 -26.70 -17.70
CA GLY C 97 -7.59 -26.77 -17.87
C GLY C 97 -6.96 -25.59 -18.60
N THR C 98 -7.30 -24.38 -18.17
CA THR C 98 -6.62 -23.14 -18.58
C THR C 98 -6.61 -22.21 -17.38
N GLU C 99 -6.07 -21.00 -17.57
CA GLU C 99 -6.26 -20.02 -16.51
C GLU C 99 -7.64 -19.38 -16.54
N PHE C 100 -8.43 -19.62 -17.59
CA PHE C 100 -9.73 -18.99 -17.77
C PHE C 100 -10.91 -19.87 -17.34
N HIS C 101 -10.68 -21.04 -16.75
CA HIS C 101 -11.82 -21.84 -16.32
C HIS C 101 -12.39 -21.26 -15.05
N ARG C 102 -13.67 -20.91 -15.10
CA ARG C 102 -14.45 -20.31 -14.03
C ARG C 102 -14.13 -18.84 -13.78
N CYS C 103 -13.39 -18.18 -14.67
CA CYS C 103 -13.11 -16.77 -14.48
C CYS C 103 -14.40 -15.96 -14.46
N LYS C 104 -14.31 -14.74 -13.95
CA LYS C 104 -15.46 -13.87 -13.80
C LYS C 104 -15.18 -12.55 -14.50
N GLU C 105 -16.21 -11.71 -14.57
CA GLU C 105 -16.11 -10.38 -15.15
C GLU C 105 -17.27 -9.55 -14.63
N MET C 106 -17.02 -8.26 -14.45
CA MET C 106 -18.11 -7.35 -14.09
C MET C 106 -18.05 -6.10 -14.96
N SER C 107 -19.20 -5.76 -15.57
CA SER C 107 -19.43 -4.56 -16.36
C SER C 107 -19.81 -3.42 -15.44
N GLU C 108 -19.82 -2.19 -15.99
CA GLU C 108 -20.36 -1.05 -15.27
C GLU C 108 -20.82 0.01 -16.26
N TYR C 109 -21.48 1.04 -15.76
CA TYR C 109 -21.87 2.17 -16.58
C TYR C 109 -21.70 3.46 -15.78
N CYS C 110 -21.34 4.55 -16.47
CA CYS C 110 -21.23 5.87 -15.88
C CYS C 110 -22.13 6.85 -16.62
N SER C 111 -22.82 7.70 -15.87
CA SER C 111 -23.91 8.50 -16.40
C SER C 111 -23.84 9.95 -15.95
N THR C 112 -23.91 10.86 -16.90
CA THR C 112 -24.27 12.23 -16.64
C THR C 112 -25.65 12.55 -17.20
N LEU C 113 -26.50 11.55 -17.41
CA LEU C 113 -27.84 11.83 -17.90
C LEU C 113 -28.58 12.64 -16.86
N CYS C 114 -29.46 13.51 -17.35
CA CYS C 114 -30.25 14.37 -16.48
C CYS C 114 -31.73 14.05 -16.55
N ARG C 115 -32.11 13.07 -17.38
CA ARG C 115 -33.48 12.62 -17.49
C ARG C 115 -33.45 11.12 -17.75
N HIS C 116 -34.62 10.49 -17.68
CA HIS C 116 -34.75 9.13 -18.15
C HIS C 116 -34.43 9.08 -19.63
N LEU C 117 -33.81 7.99 -20.06
CA LEU C 117 -33.49 7.77 -21.48
C LEU C 117 -34.27 6.53 -21.90
N TYR C 118 -35.55 6.72 -22.23
CA TYR C 118 -36.38 5.69 -22.86
C TYR C 118 -36.21 5.77 -24.36
N LEU C 119 -35.98 4.64 -24.99
CA LEU C 119 -35.66 4.64 -26.40
C LEU C 119 -36.90 4.66 -27.30
N PHE C 120 -38.07 4.27 -26.78
CA PHE C 120 -39.31 4.28 -27.56
C PHE C 120 -39.15 3.63 -28.93
N PRO C 121 -39.04 2.30 -29.01
CA PRO C 121 -38.81 1.71 -30.34
C PRO C 121 -40.08 1.57 -31.19
N HIS C 136 -45.02 8.24 -19.92
CA HIS C 136 -43.58 8.31 -19.69
C HIS C 136 -42.86 9.48 -20.38
N PHE C 137 -43.50 10.07 -21.41
CA PHE C 137 -42.84 11.08 -22.24
C PHE C 137 -42.44 12.33 -21.47
N GLN C 138 -43.00 12.56 -20.28
CA GLN C 138 -42.80 13.84 -19.62
C GLN C 138 -41.41 13.93 -18.99
N LEU C 139 -41.10 13.04 -18.02
CA LEU C 139 -39.87 13.11 -17.24
C LEU C 139 -38.63 12.51 -17.97
N ALA C 140 -38.67 12.38 -19.30
CA ALA C 140 -37.63 11.71 -20.08
C ALA C 140 -37.03 12.64 -21.13
N TYR C 141 -36.01 12.16 -21.82
CA TYR C 141 -35.47 12.88 -22.95
C TYR C 141 -36.42 12.75 -24.14
N ARG C 142 -36.57 13.86 -24.88
CA ARG C 142 -37.26 13.81 -26.16
C ARG C 142 -36.50 12.91 -27.10
N LEU C 143 -37.17 11.85 -27.56
CA LEU C 143 -36.54 10.86 -28.41
C LEU C 143 -37.63 10.37 -29.36
N GLN C 144 -37.98 11.22 -30.34
CA GLN C 144 -39.09 10.92 -31.24
C GLN C 144 -38.77 11.11 -32.72
N SER C 145 -37.56 11.51 -33.07
CA SER C 145 -37.25 11.73 -34.46
C SER C 145 -37.22 10.40 -35.22
N ARG C 146 -37.30 10.49 -36.54
CA ARG C 146 -37.07 9.35 -37.42
C ARG C 146 -35.98 9.74 -38.41
N PRO C 147 -34.76 9.15 -38.32
CA PRO C 147 -34.42 8.06 -37.42
C PRO C 147 -34.27 8.51 -35.95
N ARG C 148 -34.23 7.56 -35.00
CA ARG C 148 -34.07 7.93 -33.59
C ARG C 148 -32.78 8.72 -33.35
N GLY C 149 -31.72 8.42 -34.12
CA GLY C 149 -30.47 9.15 -34.15
C GLY C 149 -29.50 8.40 -35.05
N LEU C 150 -28.30 8.98 -35.23
CA LEU C 150 -27.24 8.23 -35.89
C LEU C 150 -26.52 7.32 -34.90
N ALA C 151 -25.92 6.26 -35.42
CA ALA C 151 -25.19 5.30 -34.60
C ALA C 151 -23.93 4.89 -35.33
N LEU C 152 -22.79 4.92 -34.65
CA LEU C 152 -21.52 4.46 -35.25
C LEU C 152 -21.03 3.22 -34.50
N VAL C 153 -20.66 2.19 -35.25
CA VAL C 153 -20.11 0.96 -34.70
C VAL C 153 -18.70 0.81 -35.24
N LEU C 154 -17.71 0.91 -34.36
CA LEU C 154 -16.31 0.91 -34.74
C LEU C 154 -15.68 -0.31 -34.11
N SER C 155 -15.29 -1.27 -34.94
CA SER C 155 -14.72 -2.56 -34.53
C SER C 155 -13.29 -2.66 -35.03
N ASN C 156 -12.37 -2.98 -34.15
CA ASN C 156 -11.03 -3.42 -34.55
C ASN C 156 -10.89 -4.90 -34.23
N VAL C 157 -10.71 -5.72 -35.26
CA VAL C 157 -10.61 -7.15 -35.13
C VAL C 157 -9.27 -7.67 -35.62
N HIS C 158 -8.78 -7.10 -36.71
CA HIS C 158 -7.57 -7.54 -37.38
C HIS C 158 -6.48 -6.51 -37.17
N PHE C 159 -5.39 -6.92 -36.55
CA PHE C 159 -4.37 -5.99 -36.16
C PHE C 159 -3.14 -6.25 -36.99
N THR C 160 -2.44 -5.18 -37.34
CA THR C 160 -1.40 -5.28 -38.34
C THR C 160 -0.02 -5.55 -37.76
N GLY C 161 0.07 -6.01 -36.52
CA GLY C 161 1.29 -6.60 -36.01
C GLY C 161 2.38 -5.67 -35.53
N GLU C 162 2.07 -4.41 -35.23
CA GLU C 162 3.10 -3.58 -34.61
C GLU C 162 3.28 -3.98 -33.15
N LYS C 163 2.37 -3.58 -32.26
CA LYS C 163 2.42 -4.13 -30.91
C LYS C 163 2.08 -5.62 -31.00
N GLU C 164 2.03 -6.32 -29.89
CA GLU C 164 1.74 -7.76 -29.97
C GLU C 164 0.26 -8.03 -29.72
N LEU C 165 -0.60 -7.40 -30.52
CA LEU C 165 -2.04 -7.43 -30.30
C LEU C 165 -2.68 -8.51 -31.17
N GLU C 166 -3.35 -9.47 -30.53
CA GLU C 166 -3.92 -10.63 -31.21
C GLU C 166 -5.23 -10.35 -31.92
N PHE C 167 -5.45 -11.12 -32.98
CA PHE C 167 -6.74 -11.25 -33.63
C PHE C 167 -7.82 -11.39 -32.58
N ARG C 168 -8.91 -10.64 -32.76
CA ARG C 168 -10.06 -10.73 -31.86
C ARG C 168 -11.09 -11.67 -32.47
N SER C 169 -10.87 -12.98 -32.25
CA SER C 169 -11.86 -13.97 -32.67
C SER C 169 -13.19 -13.69 -32.01
N GLY C 170 -14.27 -13.79 -32.77
CA GLY C 170 -15.58 -13.44 -32.27
C GLY C 170 -15.91 -11.95 -32.31
N GLY C 171 -14.92 -11.08 -32.59
CA GLY C 171 -15.24 -9.67 -32.72
C GLY C 171 -16.18 -9.39 -33.89
N ASP C 172 -16.08 -10.17 -34.95
CA ASP C 172 -17.02 -10.08 -36.05
C ASP C 172 -18.45 -10.36 -35.61
N VAL C 173 -18.63 -11.27 -34.65
CA VAL C 173 -19.97 -11.56 -34.16
C VAL C 173 -20.53 -10.36 -33.39
N ASP C 174 -19.72 -9.79 -32.48
CA ASP C 174 -20.10 -8.57 -31.77
C ASP C 174 -20.53 -7.48 -32.73
N HIS C 175 -19.79 -7.33 -33.81
CA HIS C 175 -20.06 -6.24 -34.74
C HIS C 175 -21.42 -6.43 -35.40
N SER C 176 -21.74 -7.65 -35.84
CA SER C 176 -23.03 -7.91 -36.46
C SER C 176 -24.17 -7.70 -35.49
N THR C 177 -23.99 -8.16 -34.24
CA THR C 177 -25.00 -7.93 -33.22
C THR C 177 -25.28 -6.45 -33.02
N LEU C 178 -24.24 -5.64 -32.90
CA LEU C 178 -24.50 -4.22 -32.67
C LEU C 178 -25.17 -3.58 -33.88
N VAL C 179 -24.66 -3.87 -35.10
CA VAL C 179 -25.27 -3.26 -36.28
C VAL C 179 -26.71 -3.68 -36.42
N THR C 180 -27.01 -4.96 -36.21
CA THR C 180 -28.41 -5.38 -36.20
C THR C 180 -29.18 -4.60 -35.14
N LEU C 181 -28.75 -4.69 -33.89
CA LEU C 181 -29.51 -4.14 -32.77
C LEU C 181 -29.81 -2.66 -32.95
N PHE C 182 -28.79 -1.88 -33.28
CA PHE C 182 -29.01 -0.45 -33.42
C PHE C 182 -29.95 -0.13 -34.59
N LYS C 183 -29.97 -1.00 -35.63
CA LYS C 183 -30.92 -0.80 -36.72
C LYS C 183 -32.34 -1.11 -36.29
N LEU C 184 -32.53 -2.15 -35.48
CA LEU C 184 -33.87 -2.50 -35.03
C LEU C 184 -34.42 -1.50 -34.02
N LEU C 185 -33.55 -0.73 -33.36
CA LEU C 185 -33.99 0.33 -32.46
C LEU C 185 -34.18 1.66 -33.18
N GLY C 186 -34.03 1.70 -34.50
CA GLY C 186 -34.37 2.88 -35.26
C GLY C 186 -33.23 3.81 -35.57
N TYR C 187 -31.99 3.33 -35.50
CA TYR C 187 -30.81 4.17 -35.66
C TYR C 187 -30.19 3.94 -37.03
N ASP C 188 -29.93 5.03 -37.74
CA ASP C 188 -29.20 5.01 -39.00
C ASP C 188 -27.73 4.71 -38.70
N VAL C 189 -27.30 3.47 -38.97
CA VAL C 189 -26.05 2.93 -38.45
C VAL C 189 -24.93 3.17 -39.45
N HIS C 190 -23.86 3.82 -39.00
CA HIS C 190 -22.61 3.89 -39.73
C HIS C 190 -21.65 2.85 -39.18
N VAL C 191 -20.69 2.41 -39.99
CA VAL C 191 -19.77 1.34 -39.61
C VAL C 191 -18.35 1.69 -39.98
N LEU C 192 -17.42 1.37 -39.09
CA LEU C 192 -16.00 1.47 -39.37
C LEU C 192 -15.35 0.20 -38.85
N CYS C 193 -14.26 -0.20 -39.50
CA CYS C 193 -13.72 -1.52 -39.23
C CYS C 193 -12.22 -1.48 -39.44
N ASP C 194 -11.47 -1.98 -38.46
CA ASP C 194 -10.02 -2.14 -38.58
C ASP C 194 -9.34 -0.81 -38.96
N GLN C 195 -9.42 0.15 -38.02
CA GLN C 195 -8.93 1.51 -38.22
C GLN C 195 -7.68 1.78 -37.37
N THR C 196 -6.76 2.58 -37.88
CA THR C 196 -5.64 3.02 -37.06
C THR C 196 -6.13 4.05 -36.04
N ALA C 197 -5.24 4.39 -35.10
CA ALA C 197 -5.60 5.33 -34.04
C ALA C 197 -5.97 6.68 -34.62
N GLN C 198 -5.27 7.08 -35.68
CA GLN C 198 -5.52 8.37 -36.28
C GLN C 198 -6.81 8.39 -37.09
N GLU C 199 -7.03 7.34 -37.90
CA GLU C 199 -8.30 7.22 -38.61
C GLU C 199 -9.47 7.28 -37.65
N MET C 200 -9.34 6.59 -36.51
CA MET C 200 -10.39 6.61 -35.49
C MET C 200 -10.67 8.02 -35.00
N GLN C 201 -9.60 8.80 -34.74
CA GLN C 201 -9.80 10.17 -34.30
C GLN C 201 -10.48 10.99 -35.39
N GLU C 202 -9.84 11.08 -36.57
CA GLU C 202 -10.42 11.86 -37.67
C GLU C 202 -11.85 11.46 -37.97
N LYS C 203 -12.14 10.16 -38.01
CA LYS C 203 -13.44 9.69 -38.48
C LYS C 203 -14.52 9.76 -37.42
N LEU C 204 -14.16 9.81 -36.13
CA LEU C 204 -15.14 10.09 -35.10
C LEU C 204 -15.50 11.58 -35.09
N GLN C 205 -14.51 12.44 -35.36
CA GLN C 205 -14.76 13.87 -35.48
C GLN C 205 -15.70 14.16 -36.63
N ASN C 206 -15.43 13.57 -37.80
CA ASN C 206 -16.35 13.67 -38.93
C ASN C 206 -17.75 13.26 -38.51
N PHE C 207 -17.86 12.14 -37.80
CA PHE C 207 -19.17 11.63 -37.39
C PHE C 207 -19.82 12.61 -36.42
N ALA C 208 -19.05 13.14 -35.48
CA ALA C 208 -19.58 14.09 -34.51
C ALA C 208 -20.05 15.39 -35.16
N GLN C 209 -19.48 15.74 -36.31
CA GLN C 209 -19.80 16.99 -36.98
C GLN C 209 -20.88 16.82 -38.04
N LEU C 210 -21.37 15.60 -38.27
CA LEU C 210 -22.35 15.39 -39.33
C LEU C 210 -23.59 16.23 -39.05
N PRO C 211 -24.09 17.00 -40.01
CA PRO C 211 -25.25 17.85 -39.75
C PRO C 211 -26.54 17.10 -39.56
N ALA C 212 -26.58 15.79 -39.86
CA ALA C 212 -27.77 15.01 -39.55
C ALA C 212 -28.07 15.01 -38.06
N HIS C 213 -27.07 15.33 -37.22
CA HIS C 213 -27.30 15.41 -35.77
C HIS C 213 -28.24 16.53 -35.40
N ARG C 214 -28.37 17.56 -36.25
CA ARG C 214 -29.23 18.68 -35.95
C ARG C 214 -30.71 18.35 -36.09
N VAL C 215 -31.04 17.25 -36.76
CA VAL C 215 -32.44 16.83 -36.83
C VAL C 215 -32.72 15.59 -36.02
N THR C 216 -31.74 15.08 -35.28
CA THR C 216 -31.90 13.84 -34.54
C THR C 216 -32.07 14.14 -33.06
N ASP C 217 -32.60 13.15 -32.33
CA ASP C 217 -32.84 13.31 -30.89
C ASP C 217 -31.76 12.68 -30.03
N SER C 218 -30.89 11.83 -30.58
CA SER C 218 -29.90 11.14 -29.75
C SER C 218 -28.72 10.70 -30.61
N CYS C 219 -27.82 9.92 -29.99
CA CYS C 219 -26.59 9.49 -30.65
C CYS C 219 -26.09 8.23 -29.95
N ILE C 220 -25.45 7.33 -30.71
CA ILE C 220 -24.89 6.09 -30.16
C ILE C 220 -23.54 5.83 -30.79
N VAL C 221 -22.53 5.50 -29.97
CA VAL C 221 -21.18 5.23 -30.47
C VAL C 221 -20.63 4.00 -29.74
N ALA C 222 -20.26 2.97 -30.50
CA ALA C 222 -19.78 1.71 -29.95
C ALA C 222 -18.34 1.53 -30.39
N LEU C 223 -17.43 1.40 -29.45
CA LEU C 223 -16.04 1.11 -29.78
C LEU C 223 -15.73 -0.31 -29.35
N LEU C 224 -15.24 -1.14 -30.28
CA LEU C 224 -14.83 -2.50 -29.95
C LEU C 224 -13.38 -2.71 -30.40
N SER C 225 -12.46 -2.85 -29.44
CA SER C 225 -11.04 -2.98 -29.78
C SER C 225 -10.29 -3.57 -28.58
N HIS C 226 -8.98 -3.79 -28.76
CA HIS C 226 -8.10 -4.01 -27.61
C HIS C 226 -7.94 -2.70 -26.87
N GLY C 227 -7.76 -2.77 -25.56
CA GLY C 227 -7.68 -1.54 -24.78
C GLY C 227 -6.72 -1.59 -23.62
N VAL C 228 -6.46 -0.41 -23.08
CA VAL C 228 -5.91 -0.27 -21.75
C VAL C 228 -6.85 0.67 -21.00
N GLU C 229 -6.55 0.89 -19.73
CA GLU C 229 -7.35 1.82 -18.94
C GLU C 229 -7.33 3.21 -19.53
N GLY C 230 -8.49 3.69 -19.96
CA GLY C 230 -8.60 5.03 -20.49
C GLY C 230 -8.33 5.20 -21.97
N ALA C 231 -7.98 4.13 -22.70
CA ALA C 231 -7.65 4.25 -24.12
C ALA C 231 -7.99 2.95 -24.84
N ILE C 232 -8.27 3.06 -26.15
CA ILE C 232 -8.47 1.94 -27.06
C ILE C 232 -7.36 1.94 -28.10
N TYR C 233 -7.08 0.75 -28.64
CA TYR C 233 -6.06 0.57 -29.65
C TYR C 233 -6.64 0.65 -31.05
N GLY C 234 -5.92 1.33 -31.94
CA GLY C 234 -6.16 1.15 -33.36
C GLY C 234 -5.45 -0.09 -33.84
N VAL C 235 -5.64 -0.42 -35.12
CA VAL C 235 -5.00 -1.62 -35.64
C VAL C 235 -3.49 -1.49 -35.65
N ASP C 236 -2.97 -0.27 -35.59
CA ASP C 236 -1.54 -0.03 -35.62
C ASP C 236 -0.92 -0.08 -34.25
N GLY C 237 -1.68 -0.48 -33.24
CA GLY C 237 -1.13 -0.55 -31.90
C GLY C 237 -0.95 0.78 -31.20
N LYS C 238 -1.43 1.87 -31.77
CA LYS C 238 -1.35 3.18 -31.15
C LYS C 238 -2.66 3.42 -30.43
N LEU C 239 -2.62 4.27 -29.40
CA LEU C 239 -3.72 4.37 -28.45
C LEU C 239 -4.52 5.63 -28.73
N LEU C 240 -5.85 5.49 -28.68
CA LEU C 240 -6.75 6.63 -28.68
C LEU C 240 -7.37 6.77 -27.29
N GLN C 241 -7.16 7.92 -26.65
CA GLN C 241 -7.69 8.16 -25.31
C GLN C 241 -9.20 8.32 -25.35
N LEU C 242 -9.87 7.75 -24.37
CA LEU C 242 -11.32 7.87 -24.34
C LEU C 242 -11.76 9.29 -23.95
N GLN C 243 -10.95 10.02 -23.17
CA GLN C 243 -11.32 11.40 -22.87
C GLN C 243 -11.37 12.25 -24.13
N GLU C 244 -10.52 11.94 -25.13
CA GLU C 244 -10.59 12.66 -26.40
C GLU C 244 -11.82 12.26 -27.21
N VAL C 245 -12.20 10.99 -27.16
CA VAL C 245 -13.43 10.57 -27.84
C VAL C 245 -14.62 11.35 -27.30
N PHE C 246 -14.78 11.39 -25.98
CA PHE C 246 -15.97 12.02 -25.40
C PHE C 246 -16.00 13.52 -25.67
N GLN C 247 -14.84 14.18 -25.75
CA GLN C 247 -14.82 15.62 -26.05
C GLN C 247 -15.32 15.91 -27.46
N LEU C 248 -15.09 15.01 -28.41
CA LEU C 248 -15.62 15.23 -29.75
C LEU C 248 -17.14 15.42 -29.76
N PHE C 249 -17.82 14.92 -28.74
CA PHE C 249 -19.28 14.95 -28.66
C PHE C 249 -19.77 15.84 -27.52
N ASP C 250 -18.91 16.67 -26.92
CA ASP C 250 -19.34 17.42 -25.74
C ASP C 250 -20.08 18.69 -26.15
N ASN C 251 -20.44 19.51 -25.17
CA ASN C 251 -21.29 20.66 -25.43
C ASN C 251 -20.57 21.73 -26.25
N ALA C 252 -19.24 21.83 -26.14
CA ALA C 252 -18.51 22.87 -26.82
C ALA C 252 -18.13 22.48 -28.23
N ASN C 253 -17.87 21.20 -28.47
CA ASN C 253 -17.41 20.71 -29.76
C ASN C 253 -18.53 20.19 -30.64
N CYS C 254 -19.62 19.72 -30.06
CA CYS C 254 -20.70 19.15 -30.85
C CYS C 254 -21.99 19.85 -30.44
N PRO C 255 -22.13 21.14 -30.80
CA PRO C 255 -23.32 21.91 -30.37
C PRO C 255 -24.63 21.37 -30.93
N SER C 256 -24.58 20.64 -32.04
N SER C 256 -24.59 20.62 -32.03
CA SER C 256 -25.78 20.02 -32.59
CA SER C 256 -25.82 20.04 -32.55
C SER C 256 -26.37 18.95 -31.67
C SER C 256 -26.41 18.99 -31.61
N LEU C 257 -25.62 18.50 -30.67
CA LEU C 257 -26.09 17.42 -29.81
C LEU C 257 -26.30 17.92 -28.39
N GLN C 258 -26.22 19.24 -28.19
CA GLN C 258 -26.43 19.84 -26.88
C GLN C 258 -27.78 19.46 -26.32
N ASN C 259 -27.79 18.98 -25.08
CA ASN C 259 -28.97 18.57 -24.35
C ASN C 259 -29.62 17.33 -24.96
N LYS C 260 -28.94 16.66 -25.92
CA LYS C 260 -29.49 15.37 -26.37
C LYS C 260 -28.68 14.19 -25.82
N PRO C 261 -29.32 13.09 -25.42
CA PRO C 261 -28.58 11.98 -24.81
C PRO C 261 -27.60 11.36 -25.79
N LYS C 262 -26.49 10.87 -25.27
CA LYS C 262 -25.42 10.32 -26.09
C LYS C 262 -24.97 9.03 -25.41
N MET C 263 -25.21 7.89 -26.06
CA MET C 263 -24.75 6.62 -25.52
C MET C 263 -23.41 6.27 -26.11
N PHE C 264 -22.54 5.74 -25.25
CA PHE C 264 -21.30 5.14 -25.69
C PHE C 264 -21.23 3.72 -25.11
N PHE C 265 -20.76 2.78 -25.91
CA PHE C 265 -20.49 1.43 -25.43
C PHE C 265 -19.04 1.08 -25.73
N ILE C 266 -18.30 0.67 -24.73
CA ILE C 266 -16.87 0.46 -24.89
C ILE C 266 -16.59 -0.99 -24.56
N GLN C 267 -16.20 -1.77 -25.56
CA GLN C 267 -15.79 -3.18 -25.41
C GLN C 267 -14.28 -3.26 -25.60
N ALA C 268 -13.52 -3.04 -24.54
CA ALA C 268 -12.08 -3.15 -24.61
C ALA C 268 -11.56 -3.52 -23.22
N CYS C 269 -10.39 -4.20 -23.16
CA CYS C 269 -9.80 -4.43 -21.84
C CYS C 269 -9.43 -3.13 -21.18
N ARG C 270 -9.47 -3.17 -19.85
CA ARG C 270 -9.00 -2.08 -19.01
C ARG C 270 -7.87 -2.55 -18.10
N GLY C 271 -7.21 -3.66 -18.47
CA GLY C 271 -6.17 -4.21 -17.63
C GLY C 271 -5.61 -5.49 -18.24
N ASP C 272 -4.73 -6.14 -17.46
CA ASP C 272 -3.95 -7.28 -17.93
C ASP C 272 -3.97 -8.44 -16.93
N GLU C 273 -4.99 -8.55 -16.09
CA GLU C 273 -5.05 -9.62 -15.09
C GLU C 273 -6.46 -10.18 -15.02
N THR C 274 -6.58 -11.48 -15.25
CA THR C 274 -7.83 -12.22 -15.16
C THR C 274 -8.43 -12.13 -13.75
N ASP C 275 -9.77 -12.21 -13.65
CA ASP C 275 -10.46 -12.21 -12.37
C ASP C 275 -10.84 -13.65 -12.04
N ARG C 276 -10.17 -14.25 -11.06
CA ARG C 276 -10.45 -15.65 -10.76
C ARG C 276 -11.67 -15.83 -9.88
N GLY C 277 -12.40 -14.74 -9.59
CA GLY C 277 -13.63 -14.81 -8.83
C GLY C 277 -13.41 -15.04 -7.35
N VAL C 278 -14.51 -15.05 -6.60
CA VAL C 278 -14.43 -15.36 -5.17
C VAL C 278 -15.62 -16.25 -4.81
N ASP C 279 -15.44 -17.03 -3.76
CA ASP C 279 -16.49 -17.94 -3.31
C ASP C 279 -17.50 -17.17 -2.46
N GLN C 280 -18.77 -17.48 -2.66
CA GLN C 280 -19.88 -16.84 -1.95
C GLN C 280 -19.99 -17.41 -0.54
N GLN C 281 -19.80 -16.57 0.48
CA GLN C 281 -19.83 -17.05 1.86
C GLN C 281 -21.10 -17.85 2.19
N MET D 30 -22.26 -21.32 -7.70
CA MET D 30 -22.27 -19.88 -7.97
C MET D 30 -21.28 -18.99 -7.21
N ARG D 31 -20.39 -18.38 -7.99
CA ARG D 31 -19.30 -17.57 -7.50
C ARG D 31 -19.45 -16.14 -8.00
N LEU D 32 -18.72 -15.21 -7.37
CA LEU D 32 -18.88 -13.78 -7.59
C LEU D 32 -17.65 -13.17 -8.22
N PRO D 33 -17.80 -12.04 -8.91
CA PRO D 33 -16.61 -11.28 -9.32
C PRO D 33 -16.00 -10.64 -8.08
N THR D 34 -14.73 -10.26 -8.17
CA THR D 34 -14.10 -9.59 -7.05
C THR D 34 -14.90 -8.37 -6.58
N ARG D 35 -15.44 -7.59 -7.52
CA ARG D 35 -16.16 -6.35 -7.18
C ARG D 35 -17.50 -6.25 -7.89
N SER D 36 -18.54 -5.94 -7.14
CA SER D 36 -19.86 -5.85 -7.74
C SER D 36 -20.76 -5.18 -6.72
N ASP D 37 -21.87 -4.62 -7.21
CA ASP D 37 -22.95 -4.07 -6.39
C ASP D 37 -22.54 -2.77 -5.67
N MET D 38 -21.77 -1.96 -6.38
CA MET D 38 -21.37 -0.65 -5.90
C MET D 38 -21.97 0.41 -6.79
N ILE D 39 -22.38 1.54 -6.19
CA ILE D 39 -22.74 2.74 -6.92
C ILE D 39 -21.95 3.87 -6.29
N CYS D 40 -21.33 4.72 -7.11
N CYS D 40 -21.29 4.69 -7.11
CA CYS D 40 -20.41 5.75 -6.64
CA CYS D 40 -20.42 5.75 -6.64
C CYS D 40 -20.82 7.09 -7.23
C CYS D 40 -20.86 7.08 -7.23
N GLY D 41 -21.10 8.07 -6.36
CA GLY D 41 -21.42 9.43 -6.80
C GLY D 41 -20.21 10.34 -6.70
N TYR D 42 -19.98 11.12 -7.74
CA TYR D 42 -18.85 12.03 -7.79
C TYR D 42 -19.30 13.46 -7.98
N ALA D 43 -18.75 14.37 -7.18
CA ALA D 43 -19.15 15.76 -7.30
C ALA D 43 -18.78 16.34 -8.66
N CYS D 44 -17.85 15.74 -9.37
CA CYS D 44 -17.38 16.35 -10.60
C CYS D 44 -16.72 15.29 -11.47
N LEU D 45 -16.34 15.70 -12.68
CA LEU D 45 -15.88 14.79 -13.73
C LEU D 45 -14.36 14.72 -13.76
N LYS D 46 -13.84 13.61 -14.31
CA LYS D 46 -12.39 13.41 -14.42
C LYS D 46 -11.73 14.62 -15.06
N GLY D 47 -10.75 15.19 -14.36
CA GLY D 47 -10.00 16.33 -14.85
C GLY D 47 -10.56 17.70 -14.51
N THR D 48 -11.73 17.76 -13.90
CA THR D 48 -12.46 19.00 -13.61
C THR D 48 -12.58 19.22 -12.11
N ALA D 49 -12.98 20.42 -11.74
CA ALA D 49 -12.99 20.80 -10.34
C ALA D 49 -14.41 20.89 -9.80
N ALA D 50 -14.50 20.87 -8.47
CA ALA D 50 -15.76 20.84 -7.75
C ALA D 50 -15.96 22.16 -7.01
N MET D 51 -17.19 22.66 -7.04
CA MET D 51 -17.51 23.97 -6.51
C MET D 51 -18.17 23.84 -5.14
N ARG D 52 -18.00 24.88 -4.34
CA ARG D 52 -18.52 24.87 -2.98
C ARG D 52 -18.91 26.30 -2.66
N ASN D 53 -19.92 26.45 -1.82
CA ASN D 53 -20.37 27.77 -1.38
C ASN D 53 -19.91 27.95 0.06
N THR D 54 -19.12 29.01 0.30
CA THR D 54 -18.51 29.20 1.62
C THR D 54 -19.54 29.27 2.74
N LYS D 55 -20.82 29.45 2.40
CA LYS D 55 -21.89 29.54 3.38
C LYS D 55 -22.84 28.37 3.34
N ARG D 56 -23.15 27.85 2.15
CA ARG D 56 -24.14 26.80 1.96
C ARG D 56 -23.54 25.41 1.73
N GLY D 57 -22.21 25.27 1.71
CA GLY D 57 -21.62 23.99 1.42
C GLY D 57 -21.44 23.73 -0.06
N SER D 58 -21.03 22.49 -0.34
CA SER D 58 -20.76 22.04 -1.69
C SER D 58 -22.05 21.89 -2.50
N TRP D 59 -21.99 22.26 -3.78
CA TRP D 59 -23.18 22.18 -4.65
C TRP D 59 -23.73 20.76 -4.71
N TYR D 60 -22.84 19.77 -4.82
CA TYR D 60 -23.26 18.37 -4.95
C TYR D 60 -23.98 17.89 -3.69
N ILE D 61 -23.36 18.04 -2.52
CA ILE D 61 -24.01 17.63 -1.27
C ILE D 61 -25.37 18.31 -1.07
N GLU D 62 -25.46 19.62 -1.34
CA GLU D 62 -26.76 20.31 -1.34
C GLU D 62 -27.78 19.58 -2.19
N ALA D 63 -27.46 19.38 -3.47
CA ALA D 63 -28.40 18.74 -4.38
C ALA D 63 -28.71 17.32 -3.91
N LEU D 64 -27.72 16.62 -3.39
CA LEU D 64 -27.94 15.26 -2.97
C LEU D 64 -28.91 15.20 -1.80
N ALA D 65 -28.78 16.10 -0.83
CA ALA D 65 -29.69 16.06 0.32
C ALA D 65 -31.07 16.56 -0.04
N GLN D 66 -31.14 17.50 -0.99
CA GLN D 66 -32.44 17.95 -1.47
C GLN D 66 -33.19 16.83 -2.19
N VAL D 67 -32.50 16.08 -3.04
CA VAL D 67 -33.22 15.04 -3.77
C VAL D 67 -33.54 13.87 -2.84
N PHE D 68 -32.55 13.42 -2.06
CA PHE D 68 -32.77 12.23 -1.26
C PHE D 68 -33.84 12.44 -0.20
N SER D 69 -33.79 13.58 0.51
CA SER D 69 -34.83 13.90 1.48
C SER D 69 -36.20 13.92 0.84
N GLU D 70 -36.28 14.42 -0.39
CA GLU D 70 -37.56 14.58 -1.07
C GLU D 70 -38.07 13.27 -1.63
N ARG D 71 -37.23 12.56 -2.38
CA ARG D 71 -37.75 11.52 -3.23
C ARG D 71 -37.34 10.10 -2.85
N ALA D 72 -36.63 9.90 -1.73
CA ALA D 72 -36.20 8.54 -1.37
C ALA D 72 -37.38 7.61 -1.16
N CYS D 73 -38.56 8.17 -0.86
CA CYS D 73 -39.77 7.39 -0.65
C CYS D 73 -40.22 6.67 -1.92
N ASP D 74 -40.08 7.30 -3.11
CA ASP D 74 -40.63 6.69 -4.32
C ASP D 74 -39.69 6.67 -5.52
N MET D 75 -38.38 6.83 -5.32
CA MET D 75 -37.43 6.74 -6.42
C MET D 75 -36.19 5.98 -5.96
N HIS D 76 -35.63 5.15 -6.86
CA HIS D 76 -34.43 4.43 -6.43
C HIS D 76 -33.18 5.29 -6.62
N VAL D 77 -32.11 4.89 -5.94
CA VAL D 77 -30.94 5.75 -5.78
C VAL D 77 -30.41 6.22 -7.12
N ALA D 78 -30.23 5.29 -8.08
CA ALA D 78 -29.64 5.66 -9.36
C ALA D 78 -30.45 6.75 -10.05
N ASP D 79 -31.79 6.65 -10.00
CA ASP D 79 -32.63 7.69 -10.59
C ASP D 79 -32.55 9.00 -9.82
N MET D 80 -32.28 8.95 -8.51
CA MET D 80 -32.06 10.17 -7.73
C MET D 80 -30.77 10.85 -8.16
N LEU D 81 -29.72 10.06 -8.42
CA LEU D 81 -28.47 10.67 -8.87
C LEU D 81 -28.62 11.29 -10.25
N VAL D 82 -29.62 10.88 -11.03
CA VAL D 82 -29.91 11.55 -12.29
C VAL D 82 -30.58 12.91 -12.03
N LYS D 83 -31.46 12.98 -11.02
CA LYS D 83 -32.05 14.27 -10.63
C LYS D 83 -31.00 15.19 -10.03
N VAL D 84 -30.14 14.66 -9.17
CA VAL D 84 -29.00 15.43 -8.68
C VAL D 84 -28.20 16.00 -9.85
N ASN D 85 -27.92 15.15 -10.87
CA ASN D 85 -27.24 15.62 -12.08
C ASN D 85 -27.97 16.79 -12.73
N ALA D 86 -29.31 16.69 -12.83
CA ALA D 86 -30.08 17.75 -13.46
C ALA D 86 -29.97 19.05 -12.67
N LEU D 87 -29.91 18.96 -11.33
CA LEU D 87 -29.68 20.14 -10.51
C LEU D 87 -28.31 20.75 -10.78
N ILE D 88 -27.25 19.93 -10.74
CA ILE D 88 -25.90 20.47 -10.91
C ILE D 88 -25.72 21.09 -12.30
N LYS D 89 -26.21 20.43 -13.35
CA LYS D 89 -26.06 20.98 -14.71
C LYS D 89 -26.62 22.38 -14.80
N ASP D 90 -27.71 22.65 -14.08
CA ASP D 90 -28.43 23.91 -14.12
C ASP D 90 -27.86 24.97 -13.18
N ARG D 91 -26.95 24.61 -12.29
CA ARG D 91 -26.40 25.57 -11.36
C ARG D 91 -25.25 26.32 -12.00
N GLU D 92 -25.11 27.60 -11.66
CA GLU D 92 -23.90 28.33 -12.02
C GLU D 92 -23.55 29.26 -10.87
N GLY D 93 -22.28 29.64 -10.83
CA GLY D 93 -21.69 30.21 -9.63
C GLY D 93 -21.84 31.72 -9.62
N TYR D 94 -22.29 32.25 -8.49
CA TYR D 94 -22.41 33.68 -8.29
C TYR D 94 -21.26 34.10 -7.40
N ALA D 95 -20.37 34.89 -7.94
CA ALA D 95 -19.22 35.43 -7.22
C ALA D 95 -18.61 36.54 -8.06
N PRO D 96 -19.29 37.68 -8.21
CA PRO D 96 -18.83 38.68 -9.20
C PRO D 96 -17.45 39.24 -8.86
N GLY D 97 -16.70 39.56 -9.91
CA GLY D 97 -15.34 40.02 -9.72
C GLY D 97 -14.32 38.97 -9.39
N THR D 98 -14.68 37.68 -9.38
CA THR D 98 -13.76 36.56 -9.19
C THR D 98 -13.72 35.68 -10.44
N GLU D 99 -12.76 34.72 -10.44
CA GLU D 99 -12.58 33.79 -11.55
C GLU D 99 -13.73 32.81 -11.66
N PHE D 100 -14.45 32.58 -10.57
CA PHE D 100 -15.52 31.61 -10.46
C PHE D 100 -16.89 32.18 -10.84
N HIS D 101 -16.98 33.45 -11.21
CA HIS D 101 -18.29 33.98 -11.53
C HIS D 101 -18.81 33.27 -12.77
N ARG D 102 -20.00 32.69 -12.65
CA ARG D 102 -20.73 32.05 -13.73
C ARG D 102 -20.15 30.69 -14.15
N CYS D 103 -19.28 30.12 -13.32
CA CYS D 103 -18.67 28.83 -13.60
C CYS D 103 -19.72 27.72 -13.59
N LYS D 104 -19.39 26.61 -14.26
CA LYS D 104 -20.23 25.43 -14.32
C LYS D 104 -19.55 24.23 -13.68
N GLU D 105 -20.33 23.16 -13.49
CA GLU D 105 -19.86 21.91 -12.92
C GLU D 105 -20.84 20.81 -13.31
N MET D 106 -20.33 19.59 -13.51
CA MET D 106 -21.16 18.42 -13.81
C MET D 106 -20.74 17.25 -12.92
N SER D 107 -21.72 16.70 -12.21
CA SER D 107 -21.54 15.48 -11.45
C SER D 107 -21.78 14.27 -12.33
N GLU D 108 -21.56 13.08 -11.76
CA GLU D 108 -21.81 11.82 -12.46
C GLU D 108 -21.87 10.72 -11.43
N TYR D 109 -22.28 9.54 -11.87
CA TYR D 109 -22.24 8.39 -11.01
C TYR D 109 -21.84 7.20 -11.86
N CYS D 110 -21.16 6.23 -11.23
CA CYS D 110 -20.91 4.93 -11.85
C CYS D 110 -21.48 3.81 -11.01
N SER D 111 -21.94 2.76 -11.71
CA SER D 111 -22.78 1.78 -11.05
C SER D 111 -22.38 0.38 -11.49
N THR D 112 -22.23 -0.48 -10.50
CA THR D 112 -22.23 -1.91 -10.70
C THR D 112 -23.39 -2.55 -9.97
N LEU D 113 -24.43 -1.77 -9.68
CA LEU D 113 -25.67 -2.36 -9.15
C LEU D 113 -26.22 -3.34 -10.15
N CYS D 114 -26.86 -4.37 -9.61
CA CYS D 114 -27.52 -5.38 -10.40
C CYS D 114 -29.02 -5.43 -10.14
N ARG D 115 -29.52 -4.54 -9.28
CA ARG D 115 -30.94 -4.40 -9.02
C ARG D 115 -31.24 -2.93 -8.79
N HIS D 116 -32.52 -2.63 -8.65
CA HIS D 116 -32.90 -1.31 -8.18
C HIS D 116 -32.54 -1.18 -6.70
N LEU D 117 -32.12 0.01 -6.29
CA LEU D 117 -31.74 0.27 -4.90
C LEU D 117 -32.76 1.23 -4.32
N TYR D 118 -33.85 0.69 -3.80
CA TYR D 118 -34.82 1.51 -3.10
C TYR D 118 -34.43 1.53 -1.64
N LEU D 119 -34.42 2.71 -1.03
CA LEU D 119 -34.09 2.80 0.38
C LEU D 119 -35.28 2.58 1.32
N PHE D 120 -36.52 2.59 0.81
CA PHE D 120 -37.72 2.35 1.59
C PHE D 120 -37.68 3.08 2.93
N PRO D 121 -37.60 4.40 2.93
CA PRO D 121 -37.71 5.03 4.25
C PRO D 121 -39.11 4.84 4.86
N PHE D 137 -40.69 -3.67 -5.27
CA PHE D 137 -40.13 -4.36 -4.11
C PHE D 137 -39.48 -5.74 -4.41
N GLN D 138 -40.10 -6.56 -5.25
CA GLN D 138 -39.50 -7.88 -5.45
C GLN D 138 -38.42 -7.87 -6.52
N LEU D 139 -38.15 -6.73 -7.17
CA LEU D 139 -37.08 -6.62 -8.18
C LEU D 139 -35.94 -5.72 -7.72
N ALA D 140 -35.86 -5.41 -6.42
CA ALA D 140 -34.88 -4.52 -5.84
C ALA D 140 -34.01 -5.27 -4.85
N TYR D 141 -32.95 -4.63 -4.36
CA TYR D 141 -32.16 -5.22 -3.28
C TYR D 141 -33.03 -5.29 -2.03
N ARG D 142 -32.89 -6.38 -1.28
CA ARG D 142 -33.48 -6.43 0.05
C ARG D 142 -32.91 -5.28 0.89
N LEU D 143 -33.80 -4.47 1.46
CA LEU D 143 -33.43 -3.31 2.27
C LEU D 143 -34.46 -3.17 3.39
N GLN D 144 -34.49 -4.16 4.27
CA GLN D 144 -35.48 -4.23 5.33
C GLN D 144 -34.90 -4.05 6.74
N SER D 145 -33.58 -4.15 6.93
CA SER D 145 -32.97 -4.20 8.26
C SER D 145 -33.07 -2.86 9.00
N ARG D 146 -32.97 -2.94 10.33
CA ARG D 146 -33.06 -1.78 11.22
C ARG D 146 -31.81 -1.81 12.08
N PRO D 147 -30.77 -1.03 11.76
CA PRO D 147 -30.78 0.01 10.73
C PRO D 147 -30.61 -0.55 9.35
N ARG D 148 -30.87 0.27 8.32
CA ARG D 148 -30.71 -0.20 6.95
C ARG D 148 -29.26 -0.52 6.66
N GLY D 149 -28.34 0.09 7.40
CA GLY D 149 -26.93 -0.11 7.19
C GLY D 149 -26.17 0.77 8.16
N LEU D 150 -24.85 0.58 8.16
CA LEU D 150 -23.91 1.49 8.81
C LEU D 150 -23.52 2.51 7.76
N ALA D 151 -23.41 3.78 8.15
CA ALA D 151 -22.94 4.80 7.21
C ALA D 151 -21.77 5.57 7.83
N LEU D 152 -20.69 5.73 7.08
CA LEU D 152 -19.52 6.48 7.53
C LEU D 152 -19.41 7.79 6.75
N VAL D 153 -19.23 8.90 7.46
CA VAL D 153 -19.09 10.23 6.85
C VAL D 153 -17.77 10.82 7.32
N LEU D 154 -16.81 10.90 6.41
CA LEU D 154 -15.45 11.34 6.70
C LEU D 154 -15.23 12.68 6.03
N SER D 155 -14.95 13.71 6.84
CA SER D 155 -14.76 15.08 6.37
C SER D 155 -13.40 15.59 6.79
N ASN D 156 -12.61 16.05 5.82
CA ASN D 156 -11.36 16.76 6.07
C ASN D 156 -11.56 18.24 5.72
N VAL D 157 -11.52 19.10 6.73
N VAL D 157 -11.54 19.11 6.72
CA VAL D 157 -11.70 20.52 6.54
CA VAL D 157 -11.68 20.54 6.50
C VAL D 157 -10.41 21.30 6.77
C VAL D 157 -10.37 21.29 6.72
N HIS D 158 -9.58 20.88 7.72
CA HIS D 158 -8.47 21.69 8.22
C HIS D 158 -7.15 21.05 7.83
N PHE D 159 -6.48 21.61 6.82
CA PHE D 159 -5.26 21.02 6.25
C PHE D 159 -4.00 21.67 6.78
N THR D 160 -3.13 20.84 7.32
CA THR D 160 -1.97 21.21 8.11
C THR D 160 -0.80 20.37 7.63
N GLY D 161 -0.40 20.57 6.38
CA GLY D 161 0.61 19.69 5.86
C GLY D 161 1.58 20.35 4.92
N GLU D 162 2.02 19.58 3.91
CA GLU D 162 2.94 20.08 2.89
C GLU D 162 2.21 20.95 1.87
N LYS D 163 1.71 20.34 0.79
CA LYS D 163 1.12 21.08 -0.31
C LYS D 163 0.18 22.17 0.21
N GLU D 164 0.21 23.33 -0.45
CA GLU D 164 -0.67 24.42 -0.07
C GLU D 164 -2.13 24.01 -0.23
N LEU D 165 -2.70 23.40 0.81
CA LEU D 165 -4.11 23.03 0.85
C LEU D 165 -4.84 23.98 1.78
N GLU D 166 -5.90 24.58 1.27
CA GLU D 166 -6.59 25.64 1.99
C GLU D 166 -7.83 25.08 2.67
N PHE D 167 -8.11 25.60 3.88
CA PHE D 167 -9.25 25.16 4.67
C PHE D 167 -10.54 25.20 3.88
N ARG D 168 -11.37 24.17 4.05
CA ARG D 168 -12.55 24.02 3.22
C ARG D 168 -13.76 24.66 3.90
N SER D 169 -13.97 25.94 3.60
CA SER D 169 -15.15 26.65 4.08
C SER D 169 -16.42 26.03 3.53
N GLY D 170 -17.40 25.83 4.38
CA GLY D 170 -18.58 25.09 4.01
C GLY D 170 -18.50 23.59 4.25
N GLY D 171 -17.29 23.03 4.34
CA GLY D 171 -17.18 21.63 4.70
C GLY D 171 -17.95 21.26 5.95
N ASP D 172 -18.04 22.19 6.91
CA ASP D 172 -18.74 21.90 8.16
C ASP D 172 -20.22 21.62 7.90
N VAL D 173 -20.84 22.35 6.96
CA VAL D 173 -22.27 22.18 6.78
C VAL D 173 -22.57 20.97 5.89
N ASP D 174 -21.70 20.70 4.89
CA ASP D 174 -21.77 19.42 4.19
C ASP D 174 -21.83 18.28 5.18
N HIS D 175 -20.86 18.26 6.08
CA HIS D 175 -20.76 17.20 7.06
C HIS D 175 -22.07 17.03 7.83
N SER D 176 -22.54 18.10 8.46
N SER D 176 -22.54 18.10 8.47
CA SER D 176 -23.75 18.04 9.28
CA SER D 176 -23.75 17.99 9.28
C SER D 176 -24.95 17.64 8.43
C SER D 176 -24.95 17.64 8.42
N THR D 177 -24.99 18.11 7.18
CA THR D 177 -26.07 17.76 6.26
C THR D 177 -26.10 16.25 5.99
N LEU D 178 -24.95 15.66 5.71
CA LEU D 178 -24.90 14.22 5.46
C LEU D 178 -25.24 13.43 6.70
N VAL D 179 -24.76 13.86 7.87
CA VAL D 179 -25.05 13.12 9.09
C VAL D 179 -26.56 13.14 9.38
N THR D 180 -27.22 14.28 9.13
CA THR D 180 -28.66 14.34 9.33
C THR D 180 -29.40 13.53 8.27
N LEU D 181 -28.94 13.60 7.02
CA LEU D 181 -29.62 12.91 5.94
C LEU D 181 -29.58 11.41 6.16
N PHE D 182 -28.39 10.87 6.40
CA PHE D 182 -28.25 9.43 6.54
C PHE D 182 -28.93 8.92 7.78
N LYS D 183 -29.11 9.78 8.79
CA LYS D 183 -29.94 9.38 9.93
C LYS D 183 -31.42 9.39 9.56
N LEU D 184 -31.90 10.40 8.84
CA LEU D 184 -33.30 10.36 8.43
C LEU D 184 -33.60 9.10 7.63
N LEU D 185 -32.68 8.68 6.77
CA LEU D 185 -32.91 7.54 5.88
C LEU D 185 -32.74 6.19 6.57
N GLY D 186 -32.32 6.15 7.83
CA GLY D 186 -32.32 4.93 8.61
C GLY D 186 -30.99 4.26 8.87
N TYR D 187 -29.88 4.98 8.80
CA TYR D 187 -28.54 4.40 8.90
C TYR D 187 -27.93 4.69 10.27
N ASP D 188 -26.98 3.87 10.67
CA ASP D 188 -26.19 4.12 11.88
C ASP D 188 -24.97 4.93 11.45
N VAL D 189 -24.96 6.23 11.73
CA VAL D 189 -23.97 7.10 11.10
C VAL D 189 -22.71 7.17 11.98
N HIS D 190 -21.59 6.77 11.41
CA HIS D 190 -20.27 6.91 12.00
C HIS D 190 -19.57 8.12 11.38
N VAL D 191 -18.88 8.89 12.21
CA VAL D 191 -18.28 10.15 11.77
C VAL D 191 -16.79 10.16 12.06
N LEU D 192 -16.03 10.72 11.12
CA LEU D 192 -14.59 10.92 11.26
C LEU D 192 -14.23 12.29 10.71
N CYS D 193 -13.38 13.01 11.43
CA CYS D 193 -12.98 14.36 11.06
C CYS D 193 -11.47 14.52 10.98
N ASP D 194 -11.03 15.19 9.91
CA ASP D 194 -9.65 15.64 9.78
C ASP D 194 -8.69 14.51 10.04
N GLN D 195 -8.50 13.63 9.06
CA GLN D 195 -7.68 12.45 9.23
C GLN D 195 -6.49 12.53 8.29
N THR D 196 -5.40 11.86 8.65
CA THR D 196 -4.34 11.69 7.68
C THR D 196 -4.74 10.61 6.67
N ALA D 197 -3.99 10.56 5.57
CA ALA D 197 -4.22 9.53 4.57
C ALA D 197 -4.11 8.15 5.20
N GLN D 198 -3.10 7.94 6.05
CA GLN D 198 -2.93 6.65 6.67
C GLN D 198 -4.06 6.35 7.64
N GLU D 199 -4.48 7.36 8.39
CA GLU D 199 -5.65 7.20 9.24
C GLU D 199 -6.87 6.77 8.44
N MET D 200 -7.10 7.39 7.27
CA MET D 200 -8.31 7.06 6.54
C MET D 200 -8.30 5.61 6.10
N GLN D 201 -7.17 5.13 5.59
CA GLN D 201 -7.06 3.74 5.17
C GLN D 201 -7.30 2.81 6.35
N GLU D 202 -6.68 3.08 7.50
CA GLU D 202 -6.86 2.17 8.62
C GLU D 202 -8.30 2.17 9.12
N LYS D 203 -8.92 3.34 9.18
CA LYS D 203 -10.27 3.39 9.75
C LYS D 203 -11.34 2.96 8.74
N LEU D 204 -11.12 3.17 7.44
CA LEU D 204 -12.05 2.64 6.45
C LEU D 204 -12.00 1.12 6.43
N GLN D 205 -10.82 0.54 6.63
CA GLN D 205 -10.76 -0.90 6.73
C GLN D 205 -11.39 -1.41 8.01
N ASN D 206 -11.22 -0.71 9.13
CA ASN D 206 -11.93 -1.15 10.32
C ASN D 206 -13.44 -1.04 10.14
N PHE D 207 -13.91 0.06 9.56
CA PHE D 207 -15.34 0.20 9.30
C PHE D 207 -15.85 -0.91 8.38
N ALA D 208 -15.03 -1.33 7.42
CA ALA D 208 -15.46 -2.39 6.51
C ALA D 208 -15.58 -3.73 7.23
N GLN D 209 -14.81 -3.95 8.28
CA GLN D 209 -14.77 -5.25 8.94
C GLN D 209 -15.72 -5.34 10.13
N LEU D 210 -16.44 -4.28 10.44
CA LEU D 210 -17.38 -4.32 11.56
C LEU D 210 -18.33 -5.49 11.44
N PRO D 211 -18.60 -6.23 12.52
CA PRO D 211 -19.50 -7.39 12.41
C PRO D 211 -20.95 -7.03 12.06
N ALA D 212 -21.38 -5.78 12.24
CA ALA D 212 -22.77 -5.44 11.93
C ALA D 212 -23.10 -5.69 10.46
N HIS D 213 -22.13 -5.51 9.56
CA HIS D 213 -22.44 -5.72 8.16
C HIS D 213 -22.99 -7.11 7.87
N ARG D 214 -22.78 -8.09 8.77
CA ARG D 214 -23.31 -9.43 8.50
C ARG D 214 -24.83 -9.42 8.44
N VAL D 215 -25.48 -8.64 9.32
CA VAL D 215 -26.93 -8.66 9.43
C VAL D 215 -27.62 -7.45 8.79
N THR D 216 -26.94 -6.33 8.60
CA THR D 216 -27.54 -5.17 7.94
C THR D 216 -27.62 -5.41 6.42
N ASP D 217 -28.36 -4.54 5.73
CA ASP D 217 -28.70 -4.78 4.34
C ASP D 217 -28.01 -3.89 3.32
N SER D 218 -27.40 -2.77 3.73
CA SER D 218 -26.66 -1.93 2.80
C SER D 218 -25.55 -1.20 3.55
N CYS D 219 -24.88 -0.30 2.85
CA CYS D 219 -23.75 0.41 3.42
C CYS D 219 -23.58 1.71 2.65
N ILE D 220 -23.14 2.76 3.36
CA ILE D 220 -22.91 4.08 2.76
C ILE D 220 -21.59 4.61 3.28
N VAL D 221 -20.74 5.12 2.39
CA VAL D 221 -19.48 5.76 2.75
C VAL D 221 -19.41 7.08 2.02
N ALA D 222 -19.25 8.18 2.74
CA ALA D 222 -19.06 9.48 2.10
C ALA D 222 -17.69 10.05 2.50
N LEU D 223 -16.95 10.51 1.51
CA LEU D 223 -15.62 11.08 1.65
C LEU D 223 -15.65 12.48 1.10
N LEU D 224 -15.38 13.48 1.95
CA LEU D 224 -15.39 14.89 1.60
C LEU D 224 -14.02 15.49 1.92
N SER D 225 -13.27 15.89 0.90
CA SER D 225 -11.93 16.40 1.13
C SER D 225 -11.46 17.10 -0.14
N HIS D 226 -10.20 17.52 -0.13
CA HIS D 226 -9.52 17.86 -1.37
C HIS D 226 -9.15 16.58 -2.10
N GLY D 227 -8.98 16.68 -3.41
CA GLY D 227 -8.56 15.49 -4.13
C GLY D 227 -7.94 15.84 -5.46
N VAL D 228 -7.50 14.81 -6.17
CA VAL D 228 -7.14 14.84 -7.59
C VAL D 228 -7.84 13.65 -8.25
N GLU D 229 -7.74 13.58 -9.58
CA GLU D 229 -8.22 12.40 -10.27
C GLU D 229 -7.74 11.10 -9.60
N GLY D 230 -8.66 10.33 -9.04
CA GLY D 230 -8.37 9.00 -8.57
C GLY D 230 -8.05 8.89 -7.11
N ALA D 231 -7.88 10.01 -6.41
CA ALA D 231 -7.36 9.95 -5.05
C ALA D 231 -7.75 11.20 -4.30
N ILE D 232 -7.83 11.10 -2.98
CA ILE D 232 -8.26 12.21 -2.15
C ILE D 232 -7.28 12.36 -1.00
N TYR D 233 -7.25 13.55 -0.41
CA TYR D 233 -6.18 13.97 0.50
C TYR D 233 -6.53 13.75 1.96
N GLY D 234 -5.52 13.32 2.73
CA GLY D 234 -5.56 13.47 4.17
C GLY D 234 -5.11 14.88 4.58
N VAL D 235 -5.35 15.22 5.84
CA VAL D 235 -5.03 16.56 6.33
C VAL D 235 -3.52 16.76 6.40
N ASP D 236 -2.75 15.71 6.11
CA ASP D 236 -1.29 15.80 6.11
C ASP D 236 -0.72 16.04 4.72
N GLY D 237 -1.58 16.20 3.71
CA GLY D 237 -1.11 16.41 2.36
C GLY D 237 -0.81 15.17 1.56
N LYS D 238 -0.97 13.98 2.14
CA LYS D 238 -0.76 12.73 1.42
C LYS D 238 -2.05 12.28 0.72
N LEU D 239 -1.89 11.44 -0.30
CA LEU D 239 -3.03 10.96 -1.09
C LEU D 239 -3.40 9.55 -0.70
N LEU D 240 -4.70 9.28 -0.64
CA LEU D 240 -5.26 7.94 -0.53
C LEU D 240 -5.95 7.61 -1.85
N GLN D 241 -5.48 6.55 -2.53
CA GLN D 241 -6.06 6.18 -3.82
C GLN D 241 -7.49 5.69 -3.64
N LEU D 242 -8.42 6.21 -4.45
CA LEU D 242 -9.79 5.75 -4.25
C LEU D 242 -9.90 4.26 -4.52
N GLN D 243 -9.03 3.70 -5.37
CA GLN D 243 -9.20 2.29 -5.68
C GLN D 243 -8.84 1.40 -4.50
N GLU D 244 -8.02 1.89 -3.56
CA GLU D 244 -7.83 1.14 -2.32
C GLU D 244 -9.09 1.18 -1.47
N VAL D 245 -9.85 2.27 -1.54
CA VAL D 245 -11.02 2.38 -0.68
C VAL D 245 -12.11 1.44 -1.15
N PHE D 246 -12.37 1.40 -2.45
CA PHE D 246 -13.39 0.48 -2.93
C PHE D 246 -13.01 -0.96 -2.66
N GLN D 247 -11.73 -1.31 -2.83
CA GLN D 247 -11.31 -2.68 -2.61
C GLN D 247 -11.71 -3.17 -1.24
N LEU D 248 -11.66 -2.30 -0.24
CA LEU D 248 -11.93 -2.73 1.12
C LEU D 248 -13.34 -3.27 1.27
N PHE D 249 -14.25 -2.87 0.38
CA PHE D 249 -15.65 -3.26 0.45
C PHE D 249 -16.03 -4.26 -0.64
N ASP D 250 -15.05 -4.80 -1.37
CA ASP D 250 -15.32 -5.73 -2.46
C ASP D 250 -15.61 -7.14 -1.93
N ASN D 251 -16.06 -8.00 -2.83
CA ASN D 251 -16.56 -9.30 -2.41
C ASN D 251 -15.50 -10.18 -1.75
N ALA D 252 -14.22 -9.89 -1.96
CA ALA D 252 -13.16 -10.71 -1.41
C ALA D 252 -12.70 -10.22 -0.05
N ASN D 253 -12.66 -8.90 0.14
CA ASN D 253 -12.25 -8.33 1.42
C ASN D 253 -13.40 -8.14 2.39
N CYS D 254 -14.63 -8.09 1.90
CA CYS D 254 -15.80 -7.82 2.73
C CYS D 254 -16.88 -8.86 2.44
N PRO D 255 -16.64 -10.11 2.83
CA PRO D 255 -17.65 -11.16 2.59
C PRO D 255 -19.02 -10.84 3.18
N SER D 256 -19.09 -10.08 4.27
CA SER D 256 -20.39 -9.83 4.90
C SER D 256 -21.29 -8.95 4.06
N LEU D 257 -20.72 -8.15 3.16
CA LEU D 257 -21.50 -7.27 2.31
C LEU D 257 -21.59 -7.79 0.88
N GLN D 258 -21.16 -9.03 0.63
CA GLN D 258 -21.43 -9.70 -0.64
C GLN D 258 -22.90 -9.64 -0.99
N ASN D 259 -23.18 -9.20 -2.22
CA ASN D 259 -24.53 -9.06 -2.79
C ASN D 259 -25.36 -7.97 -2.11
N LYS D 260 -24.76 -7.12 -1.23
CA LYS D 260 -25.51 -6.03 -0.66
C LYS D 260 -25.09 -4.71 -1.29
N PRO D 261 -26.02 -3.79 -1.52
CA PRO D 261 -25.64 -2.56 -2.25
C PRO D 261 -24.75 -1.71 -1.37
N LYS D 262 -23.70 -1.15 -1.97
CA LYS D 262 -22.73 -0.30 -1.28
C LYS D 262 -22.68 1.04 -2.00
N MET D 263 -23.14 2.11 -1.36
CA MET D 263 -23.06 3.44 -1.97
C MET D 263 -21.83 4.20 -1.48
N PHE D 264 -21.18 4.88 -2.41
CA PHE D 264 -20.07 5.79 -2.13
C PHE D 264 -20.41 7.15 -2.71
N PHE D 265 -20.20 8.20 -1.91
CA PHE D 265 -20.35 9.59 -2.36
C PHE D 265 -19.02 10.31 -2.13
N ILE D 266 -18.43 10.85 -3.20
CA ILE D 266 -17.06 11.38 -3.17
C ILE D 266 -17.09 12.87 -3.49
N GLN D 267 -16.91 13.71 -2.48
CA GLN D 267 -16.91 15.17 -2.62
C GLN D 267 -15.45 15.64 -2.63
N ALA D 268 -14.90 15.83 -3.83
CA ALA D 268 -13.51 16.20 -3.97
C ALA D 268 -13.26 16.59 -5.41
N CYS D 269 -12.41 17.59 -5.63
CA CYS D 269 -11.98 17.92 -6.99
C CYS D 269 -11.26 16.76 -7.64
N ARG D 270 -11.38 16.67 -8.96
CA ARG D 270 -10.66 15.69 -9.76
C ARG D 270 -9.70 16.39 -10.72
N GLY D 271 -9.32 17.62 -10.39
CA GLY D 271 -8.39 18.37 -11.22
C GLY D 271 -8.37 19.82 -10.80
N ASP D 272 -7.51 20.60 -11.48
CA ASP D 272 -7.39 22.03 -11.28
C ASP D 272 -8.23 22.83 -12.28
N GLU D 273 -8.99 22.14 -13.13
CA GLU D 273 -9.66 22.75 -14.28
C GLU D 273 -10.98 23.36 -13.85
N THR D 274 -11.07 24.69 -13.90
CA THR D 274 -12.34 25.40 -13.76
C THR D 274 -13.09 25.43 -15.09
N ASP D 275 -14.41 25.24 -15.01
CA ASP D 275 -15.27 25.08 -16.18
C ASP D 275 -16.00 26.40 -16.44
N ARG D 276 -15.52 27.15 -17.44
CA ARG D 276 -16.14 28.43 -17.77
C ARG D 276 -17.53 28.28 -18.39
N GLY D 277 -17.83 27.13 -19.00
CA GLY D 277 -19.16 26.87 -19.55
C GLY D 277 -19.26 27.11 -21.04
N VAL D 278 -20.48 26.98 -21.53
CA VAL D 278 -20.80 26.96 -22.96
C VAL D 278 -22.18 27.59 -23.17
N ASP D 279 -22.29 28.56 -24.07
CA ASP D 279 -23.60 29.11 -24.37
C ASP D 279 -24.46 28.09 -25.11
N GLN D 280 -25.76 28.13 -24.87
CA GLN D 280 -26.65 27.19 -25.52
C GLN D 280 -26.93 27.68 -26.95
N GLN D 281 -26.81 26.79 -27.95
CA GLN D 281 -26.90 27.22 -29.36
C GLN D 281 -28.31 27.10 -29.92
C A1AT6 E 1 23.61 16.32 -5.24
CA A1AT6 E 1 24.00 17.66 -5.87
CB A1AT6 E 1 24.56 18.63 -4.85
C18 A1AT6 E 1 23.84 19.94 -5.18
C19 A1AT6 E 1 22.77 19.65 -6.14
C20 A1AT6 E 1 21.84 20.95 -6.64
C21 A1AT6 E 1 22.23 22.15 -6.07
C22 A1AT6 E 1 23.17 22.29 -5.25
C23 A1AT6 E 1 23.92 21.40 -4.81
N A1AT6 E 1 22.78 18.21 -6.45
O A1AT6 E 1 24.35 15.39 -5.20
C1' UN1 E 2 23.86 15.59 -0.47
O1' UN1 E 2 25.07 15.29 -0.25
O2' UN1 E 2 23.28 16.48 0.21
O UN1 E 2 20.76 14.63 -6.14
C1 UN1 E 2 23.08 14.90 -1.58
C UN1 E 2 21.26 14.11 -5.20
CA UN1 E 2 21.89 14.93 -4.08
C5 UN1 E 2 20.93 15.11 -2.90
C6 UN1 E 2 21.69 15.55 -1.65
N UN1 E 2 22.29 16.20 -4.67
N VAL E 3 21.33 12.68 -5.07
CA VAL E 3 20.79 11.77 -6.05
C VAL E 3 20.38 10.57 -5.20
CA A1AT7 E 4 18.87 8.63 -4.71
CB A1AT7 E 4 17.30 8.72 -4.61
C20 A1AT7 E 4 16.50 9.28 -5.72
C21 A1AT7 E 4 17.11 9.80 -6.98
C22 A1AT7 E 4 18.52 10.01 -6.75
C24 A1AT7 E 4 14.49 8.91 -4.50
C26 A1AT7 E 4 15.04 8.42 -3.50
C23 A1AT7 E 4 15.03 9.32 -5.53
C25 A1AT7 E 4 12.96 9.00 -4.41
C27 A1AT7 E 4 16.40 8.23 -3.32
C A1AT7 E 4 19.31 7.24 -5.15
N A1AT7 E 4 19.25 9.74 -5.58
O A1AT7 E 4 19.48 6.98 -6.29
C ASJ E 5 18.71 3.91 -4.34
N ASJ E 5 19.52 6.20 -4.14
O ASJ E 5 19.09 2.56 -4.46
CA ASJ E 5 19.94 4.83 -4.46
CB ASJ E 5 21.03 4.35 -3.49
CG ASJ E 5 22.42 4.28 -4.13
OD1 ASJ E 5 22.58 3.87 -5.32
OD2 ASJ E 5 23.43 4.63 -3.44
C A1AT6 F 1 9.10 -29.44 25.56
CA A1AT6 F 1 8.82 -30.76 26.31
CB A1AT6 F 1 10.01 -31.27 27.09
C18 A1AT6 F 1 10.17 -32.71 26.62
C19 A1AT6 F 1 9.21 -32.97 25.54
C20 A1AT6 F 1 9.19 -34.50 24.86
C21 A1AT6 F 1 10.12 -35.35 25.43
C22 A1AT6 F 1 10.90 -35.03 26.36
C23 A1AT6 F 1 11.00 -33.92 26.93
N A1AT6 F 1 8.43 -31.75 25.30
O A1AT6 F 1 8.99 -28.40 26.12
C1' UN1 F 2 13.46 -27.38 25.10
O1' UN1 F 2 13.61 -26.45 25.94
O2' UN1 F 2 14.18 -28.41 25.17
O UN1 F 2 8.21 -29.12 21.66
C1 UN1 F 2 12.39 -27.27 24.00
C UN1 F 2 8.56 -28.20 22.31
CA UN1 F 2 9.74 -28.36 23.28
C5 UN1 F 2 10.99 -28.61 22.44
C6 UN1 F 2 12.25 -28.64 23.31
N UN1 F 2 9.46 -29.50 24.14
N VAL F 3 7.91 -26.91 22.16
CA VAL F 3 6.80 -26.65 21.26
C VAL F 3 7.22 -25.41 20.43
CA A1AT7 F 4 7.25 -24.05 18.24
CB A1AT7 F 4 7.35 -24.51 16.73
C20 A1AT7 F 4 6.42 -25.55 16.23
C21 A1AT7 F 4 5.41 -26.16 17.13
C22 A1AT7 F 4 6.00 -26.18 18.45
C24 A1AT7 F 4 7.38 -25.51 14.06
C26 A1AT7 F 4 8.24 -24.63 14.31
C23 A1AT7 F 4 6.55 -25.99 14.82
C25 A1AT7 F 4 7.36 -26.08 12.63
C27 A1AT7 F 4 8.40 -24.01 15.54
C A1AT7 F 4 6.31 -22.86 18.40
N A1AT7 F 4 6.83 -25.21 19.04
O A1AT7 F 4 5.19 -23.05 18.76
C ASJ F 5 5.45 -19.81 16.93
N ASJ F 5 6.79 -21.50 18.16
O ASJ F 5 5.34 -18.40 16.83
CA ASJ F 5 5.97 -20.28 18.30
CB ASJ F 5 6.78 -19.15 18.97
CG ASJ F 5 6.18 -18.64 20.29
OD1 ASJ F 5 5.14 -19.17 20.78
OD2 ASJ F 5 6.73 -17.70 20.92
C A1AT6 G 1 -13.45 -19.47 -25.65
CA A1AT6 G 1 -14.05 -20.83 -26.12
CB A1AT6 G 1 -14.57 -21.57 -24.90
C18 A1AT6 G 1 -13.67 -22.80 -24.81
C19 A1AT6 G 1 -12.81 -22.82 -26.00
C20 A1AT6 G 1 -11.73 -24.09 -26.10
C21 A1AT6 G 1 -11.82 -24.95 -25.01
C22 A1AT6 G 1 -12.60 -24.84 -24.04
C23 A1AT6 G 1 -13.43 -23.93 -23.87
N A1AT6 G 1 -13.11 -21.65 -26.87
O A1AT6 G 1 -13.44 -18.57 -26.39
C1' UN1 G 2 -16.07 -18.12 -22.27
O1' UN1 G 2 -17.06 -17.70 -22.92
O2' UN1 G 2 -16.17 -19.07 -21.47
O UN1 G 2 -10.17 -18.19 -24.46
C1 UN1 G 2 -14.70 -17.46 -22.44
C UN1 G 2 -11.12 -17.51 -24.31
CA UN1 G 2 -12.45 -18.03 -23.79
C5 UN1 G 2 -12.30 -18.06 -22.27
C6 UN1 G 2 -13.68 -18.29 -21.67
N UN1 G 2 -12.95 -19.31 -24.29
N VAL G 3 -11.10 -16.09 -24.55
CA VAL G 3 -9.91 -15.40 -25.01
C VAL G 3 -10.02 -14.01 -24.35
CA A1AT7 G 4 -9.03 -12.01 -23.20
CB A1AT7 G 4 -7.94 -11.92 -22.06
C20 A1AT7 G 4 -6.69 -12.71 -22.12
C21 A1AT7 G 4 -6.39 -13.65 -23.24
C22 A1AT7 G 4 -7.57 -13.84 -24.05
C24 A1AT7 G 4 -5.95 -11.82 -20.00
C26 A1AT7 G 4 -6.94 -11.09 -19.83
C23 A1AT7 G 4 -5.76 -12.57 -20.97
C25 A1AT7 G 4 -4.88 -11.78 -18.92
C27 A1AT7 G 4 -8.03 -10.98 -20.68
C A1AT7 G 4 -8.97 -10.82 -24.14
N A1AT7 G 4 -8.85 -13.30 -23.87
O A1AT7 G 4 -8.20 -10.80 -25.05
C ASJ G 5 -8.97 -7.44 -24.12
N ASJ G 5 -9.87 -9.70 -23.91
O ASJ G 5 -8.88 -6.29 -24.92
CA ASJ G 5 -9.93 -8.48 -24.72
CB ASJ G 5 -11.36 -7.90 -24.63
CG ASJ G 5 -12.07 -7.87 -25.98
OD1 ASJ G 5 -13.26 -8.28 -26.06
OD2 ASJ G 5 -11.47 -7.41 -27.00
C A1AT6 H 1 -18.65 31.87 -2.50
CA A1AT6 H 1 -18.80 33.27 -1.90
CB A1AT6 H 1 -20.24 33.76 -1.94
C18 A1AT6 H 1 -20.11 35.12 -2.61
C19 A1AT6 H 1 -18.73 35.32 -3.04
C20 A1AT6 H 1 -18.37 36.77 -3.80
C21 A1AT6 H 1 -19.48 37.57 -3.92
C22 A1AT6 H 1 -20.65 37.31 -3.51
C23 A1AT6 H 1 -21.01 36.27 -2.94
N A1AT6 H 1 -17.93 34.15 -2.68
O A1AT6 H 1 -19.09 30.91 -1.95
C1' UN1 H 2 -21.83 29.66 -5.87
O1' UN1 H 2 -21.90 29.08 -4.76
O2' UN1 H 2 -22.79 29.59 -6.72
O UN1 H 2 -15.42 30.96 -4.28
C1 UN1 H 2 -20.58 30.48 -6.21
C UN1 H 2 -16.27 30.14 -4.18
CA UN1 H 2 -17.75 30.50 -4.38
C5 UN1 H 2 -18.12 30.59 -5.86
C6 UN1 H 2 -19.32 29.66 -6.05
N UN1 H 2 -17.95 31.77 -3.77
N VAL H 3 -15.89 28.79 -3.84
CA VAL H 3 -14.51 28.40 -3.64
C VAL H 3 -14.34 27.07 -4.33
CA A1AT7 H 4 -13.08 25.22 -5.33
CB A1AT7 H 4 -12.11 25.41 -6.53
C20 A1AT7 H 4 -10.88 26.22 -6.35
C21 A1AT7 H 4 -10.56 26.88 -5.06
C22 A1AT7 H 4 -11.82 27.17 -4.39
C24 A1AT7 H 4 -10.28 25.82 -8.64
C26 A1AT7 H 4 -11.27 25.13 -8.94
C23 A1AT7 H 4 -10.02 26.35 -7.55
C25 A1AT7 H 4 -9.28 26.05 -9.78
C27 A1AT7 H 4 -12.29 24.79 -8.07
C A1AT7 H 4 -12.58 24.09 -4.46
N A1AT7 H 4 -13.05 26.51 -4.66
O A1AT7 H 4 -11.76 24.30 -3.62
C ASJ H 5 -11.61 20.76 -4.70
N ASJ H 5 -13.09 22.73 -4.65
O ASJ H 5 -10.66 20.06 -3.92
CA ASJ H 5 -12.61 21.57 -3.86
CB ASJ H 5 -13.76 20.63 -3.51
CG ASJ H 5 -14.12 20.75 -2.03
OD1 ASJ H 5 -13.37 21.45 -1.28
OD2 ASJ H 5 -15.15 20.19 -1.58
#